data_2ZYG
#
_entry.id   2ZYG
#
_cell.length_a   112.748
_cell.length_b   112.748
_cell.length_c   118.939
_cell.angle_alpha   90.00
_cell.angle_beta   90.00
_cell.angle_gamma   120.00
#
_symmetry.space_group_name_H-M   'P 31 2 1'
#
loop_
_entity.id
_entity.type
_entity.pdbx_description
1 polymer '6-phosphogluconate dehydrogenase, decarboxylating'
2 water water
#
_entity_poly.entity_id   1
_entity_poly.type   'polypeptide(L)'
_entity_poly.pdbx_seq_one_letter_code
;MGHHHHHHHHHHMSKQQIGVVGMAVMGRNLALNIESRGYTVSVFNRSREKTEEVIAENPGKKLVPYYTVQEFVESLETPR
RILLMVKAGAGTDSAIDSLKPYLDKGDIIIDGGNTFFQDTIRRNRELSAEGFNFIGTGVSGGEEGTLKGPSIMPGGQKEA
YELVAPILKQIAAVAEDGEPCVTYIGADGAGHYVKMVHNGIEYGDMQLIAEAYALLKGGLALSNEELAQTFTEWNEGELS
SYLIDITKDIFTKKDEEGKYLVDVILDEAANKGTGKWTSQSSLDLGEPLSLITESVFARYISSLKDQRVAASKVLSGPQA
QPAGDKAEFIEKVRRALYLGKIVSYAQGFSQLRAASDEYNWDLNYGEIAKIFRAGCIIRAQFLQKITDAYAQNAGIANLL
LAPYFKQIADDYQQALRDVVAYAVQNGIPVPTFSAAIAYYDSYRSAVLPANLIQAQRDYFGAHTYKRTDKEGIFHTEWLE
;
_entity_poly.pdbx_strand_id   A,B
#
# COMPACT_ATOMS: atom_id res chain seq x y z
N LYS A 15 -12.05 29.51 -30.73
CA LYS A 15 -11.01 29.96 -29.74
C LYS A 15 -10.64 28.88 -28.70
N GLN A 16 -9.50 29.04 -28.04
CA GLN A 16 -9.11 28.06 -27.05
C GLN A 16 -9.81 28.33 -25.72
N GLN A 17 -10.09 27.27 -24.95
CA GLN A 17 -10.77 27.42 -23.68
C GLN A 17 -9.84 27.94 -22.58
N ILE A 18 -8.57 27.62 -22.74
CA ILE A 18 -7.61 28.03 -21.76
C ILE A 18 -6.22 28.30 -22.40
N GLY A 19 -5.43 29.15 -21.73
CA GLY A 19 -4.09 29.45 -22.19
C GLY A 19 -3.08 29.26 -21.06
N VAL A 20 -1.86 28.88 -21.43
CA VAL A 20 -0.77 28.74 -20.47
C VAL A 20 0.38 29.68 -20.82
N VAL A 21 0.81 30.46 -19.84
CA VAL A 21 1.94 31.36 -19.98
C VAL A 21 3.14 30.81 -19.19
N GLY A 22 4.27 30.65 -19.86
CA GLY A 22 5.48 30.14 -19.22
C GLY A 22 5.73 28.74 -19.77
N MET A 23 6.62 28.64 -20.75
CA MET A 23 6.95 27.36 -21.36
C MET A 23 8.19 26.60 -20.80
N ALA A 24 8.61 26.93 -19.59
CA ALA A 24 9.67 26.20 -18.94
C ALA A 24 8.98 24.83 -18.71
N VAL A 25 9.72 23.88 -18.16
CA VAL A 25 9.19 22.52 -17.99
C VAL A 25 7.81 22.39 -17.35
N MET A 26 7.64 22.92 -16.14
CA MET A 26 6.35 22.87 -15.44
C MET A 26 5.15 23.39 -16.26
N GLY A 27 5.30 24.54 -16.93
CA GLY A 27 4.21 25.08 -17.74
C GLY A 27 4.03 24.23 -18.99
N ARG A 28 5.15 23.84 -19.59
CA ARG A 28 5.07 23.01 -20.78
C ARG A 28 4.28 21.76 -20.38
N ASN A 29 4.72 21.06 -19.34
CA ASN A 29 4.02 19.84 -18.91
C ASN A 29 2.56 20.05 -18.61
N LEU A 30 2.25 21.12 -17.91
CA LEU A 30 0.86 21.39 -17.58
C LEU A 30 0.04 21.58 -18.86
N ALA A 31 0.64 22.26 -19.83
CA ALA A 31 -0.06 22.52 -21.11
C ALA A 31 -0.26 21.18 -21.85
N LEU A 32 0.75 20.31 -21.80
CA LEU A 32 0.64 19.00 -22.43
C LEU A 32 -0.46 18.17 -21.72
N ASN A 33 -0.52 18.28 -20.37
CA ASN A 33 -1.52 17.57 -19.57
C ASN A 33 -2.90 18.02 -20.08
N ILE A 34 -3.13 19.33 -20.11
CA ILE A 34 -4.40 19.88 -20.59
C ILE A 34 -4.72 19.31 -22.01
N GLU A 35 -3.71 19.27 -22.86
CA GLU A 35 -3.85 18.78 -24.22
C GLU A 35 -4.30 17.32 -24.21
N SER A 36 -3.66 16.51 -23.38
CA SER A 36 -3.99 15.08 -23.27
C SER A 36 -5.45 14.80 -22.90
N ARG A 37 -6.10 15.75 -22.26
CA ARG A 37 -7.48 15.59 -21.88
C ARG A 37 -8.43 15.97 -23.00
N GLY A 38 -7.89 16.37 -24.15
CA GLY A 38 -8.74 16.75 -25.26
C GLY A 38 -9.03 18.22 -25.37
N TYR A 39 -8.27 19.05 -24.66
CA TYR A 39 -8.50 20.47 -24.74
C TYR A 39 -7.45 21.05 -25.67
N THR A 40 -7.80 22.09 -26.42
CA THR A 40 -6.78 22.73 -27.23
C THR A 40 -6.34 23.88 -26.37
N VAL A 41 -5.03 24.08 -26.21
CA VAL A 41 -4.56 25.18 -25.39
C VAL A 41 -3.64 26.14 -26.11
N SER A 42 -3.78 27.42 -25.83
CA SER A 42 -2.89 28.43 -26.39
C SER A 42 -1.64 28.48 -25.46
N VAL A 43 -0.45 28.58 -26.04
CA VAL A 43 0.74 28.68 -25.21
C VAL A 43 1.51 29.95 -25.56
N PHE A 44 2.21 30.49 -24.57
CA PHE A 44 2.98 31.71 -24.73
C PHE A 44 4.13 31.68 -23.72
N ASN A 45 5.25 32.31 -24.08
CA ASN A 45 6.40 32.42 -23.20
C ASN A 45 7.10 33.77 -23.46
N ARG A 46 7.53 34.44 -22.40
CA ARG A 46 8.16 35.75 -22.50
C ARG A 46 9.01 35.82 -23.77
N SER A 47 9.92 34.87 -23.91
CA SER A 47 10.80 34.75 -25.07
C SER A 47 10.26 33.63 -25.96
N ARG A 48 10.58 33.67 -27.25
CA ARG A 48 10.04 32.67 -28.16
C ARG A 48 10.74 31.33 -28.34
N GLU A 49 12.00 31.21 -27.93
CA GLU A 49 12.69 29.93 -28.11
C GLU A 49 12.00 28.74 -27.43
N LYS A 50 11.67 28.88 -26.15
CA LYS A 50 11.00 27.79 -25.45
C LYS A 50 9.68 27.44 -26.10
N THR A 51 8.96 28.44 -26.58
CA THR A 51 7.67 28.15 -27.19
C THR A 51 7.86 27.38 -28.49
N GLU A 52 8.91 27.75 -29.23
CA GLU A 52 9.23 27.09 -30.48
C GLU A 52 9.68 25.65 -30.20
N GLU A 53 10.48 25.45 -29.14
CA GLU A 53 10.92 24.09 -28.77
C GLU A 53 9.74 23.18 -28.38
N VAL A 54 8.79 23.75 -27.62
CA VAL A 54 7.64 22.99 -27.19
C VAL A 54 6.91 22.44 -28.40
N ILE A 55 6.55 23.31 -29.34
CA ILE A 55 5.85 22.85 -30.53
C ILE A 55 6.73 21.95 -31.40
N ALA A 56 8.01 22.28 -31.50
CA ALA A 56 8.90 21.43 -32.30
C ALA A 56 8.81 20.02 -31.74
N GLU A 57 9.05 19.90 -30.44
CA GLU A 57 9.01 18.62 -29.75
C GLU A 57 7.64 17.95 -29.61
N ASN A 58 6.56 18.66 -29.90
CA ASN A 58 5.24 18.06 -29.70
C ASN A 58 4.32 18.17 -30.92
N PRO A 59 4.78 17.69 -32.08
CA PRO A 59 3.98 17.76 -33.30
C PRO A 59 2.66 16.98 -33.21
N GLY A 60 1.61 17.54 -33.78
CA GLY A 60 0.33 16.88 -33.75
C GLY A 60 -0.51 17.16 -32.51
N LYS A 61 0.09 17.75 -31.47
CA LYS A 61 -0.67 18.06 -30.26
C LYS A 61 -1.45 19.34 -30.50
N LYS A 62 -2.58 19.49 -29.81
CA LYS A 62 -3.40 20.70 -29.94
C LYS A 62 -2.89 21.87 -29.06
N LEU A 63 -1.68 22.34 -29.36
CA LEU A 63 -1.10 23.48 -28.67
C LEU A 63 -0.91 24.55 -29.72
N VAL A 64 -1.52 25.72 -29.52
CA VAL A 64 -1.41 26.83 -30.44
C VAL A 64 -0.50 27.90 -29.83
N PRO A 65 0.66 28.11 -30.45
CA PRO A 65 1.64 29.08 -30.00
C PRO A 65 1.35 30.52 -30.43
N TYR A 66 1.68 31.44 -29.56
CA TYR A 66 1.52 32.86 -29.82
C TYR A 66 2.84 33.46 -29.39
N TYR A 67 3.22 34.55 -30.05
CA TYR A 67 4.50 35.18 -29.78
C TYR A 67 4.37 36.61 -29.34
N THR A 68 3.14 37.03 -29.09
CA THR A 68 2.91 38.36 -28.54
C THR A 68 1.80 38.16 -27.51
N VAL A 69 1.84 38.92 -26.43
CA VAL A 69 0.86 38.82 -25.40
C VAL A 69 -0.56 39.06 -25.96
N GLN A 70 -0.67 40.13 -26.73
CA GLN A 70 -1.96 40.48 -27.31
C GLN A 70 -2.62 39.36 -28.07
N GLU A 71 -1.87 38.73 -28.95
CA GLU A 71 -2.47 37.64 -29.71
C GLU A 71 -2.87 36.50 -28.79
N PHE A 72 -2.00 36.16 -27.84
CA PHE A 72 -2.26 35.08 -26.89
C PHE A 72 -3.56 35.31 -26.15
N VAL A 73 -3.79 36.54 -25.68
CA VAL A 73 -5.00 36.90 -24.95
C VAL A 73 -6.23 36.82 -25.85
N GLU A 74 -6.11 37.29 -27.09
CA GLU A 74 -7.21 37.30 -28.05
C GLU A 74 -7.72 35.93 -28.46
N SER A 75 -6.82 34.94 -28.48
CA SER A 75 -7.15 33.58 -28.88
C SER A 75 -7.93 32.77 -27.83
N LEU A 76 -8.32 33.41 -26.72
CA LEU A 76 -9.01 32.65 -25.67
C LEU A 76 -10.47 33.00 -25.54
N GLU A 77 -11.33 32.00 -25.36
CA GLU A 77 -12.76 32.30 -25.22
C GLU A 77 -12.96 32.94 -23.87
N THR A 78 -13.90 33.86 -23.79
CA THR A 78 -14.16 34.59 -22.56
C THR A 78 -15.29 33.96 -21.75
N PRO A 79 -15.29 34.16 -20.41
CA PRO A 79 -14.29 34.92 -19.66
C PRO A 79 -12.97 34.15 -19.80
N ARG A 80 -11.85 34.85 -20.02
CA ARG A 80 -10.57 34.16 -20.24
C ARG A 80 -9.96 33.48 -19.04
N ARG A 81 -9.35 32.34 -19.28
CA ARG A 81 -8.73 31.57 -18.22
C ARG A 81 -7.26 31.50 -18.58
N ILE A 82 -6.45 32.26 -17.87
CA ILE A 82 -5.03 32.31 -18.13
C ILE A 82 -4.22 31.71 -16.99
N LEU A 83 -3.51 30.67 -17.35
CA LEU A 83 -2.68 29.95 -16.40
C LEU A 83 -1.23 30.41 -16.46
N LEU A 84 -0.76 31.04 -15.37
CA LEU A 84 0.63 31.49 -15.30
C LEU A 84 1.46 30.47 -14.62
N MET A 85 2.42 29.91 -15.33
CA MET A 85 3.28 28.92 -14.73
C MET A 85 4.68 29.43 -14.61
N VAL A 86 4.88 30.74 -14.64
CA VAL A 86 6.21 31.28 -14.52
C VAL A 86 6.67 31.12 -13.08
N LYS A 87 7.97 31.12 -12.85
CA LYS A 87 8.49 30.95 -11.51
C LYS A 87 8.01 32.07 -10.55
N ALA A 88 7.50 31.68 -9.41
CA ALA A 88 7.00 32.68 -8.46
C ALA A 88 8.08 33.73 -8.20
N GLY A 89 7.65 34.99 -8.05
CA GLY A 89 8.53 36.10 -7.81
C GLY A 89 8.08 37.27 -8.68
N ALA A 90 9.04 38.13 -9.02
CA ALA A 90 8.79 39.30 -9.82
C ALA A 90 8.22 38.99 -11.19
N GLY A 91 8.60 37.83 -11.75
CA GLY A 91 8.13 37.47 -13.06
C GLY A 91 6.64 37.27 -13.06
N THR A 92 6.08 36.91 -11.92
CA THR A 92 4.62 36.74 -11.81
C THR A 92 3.97 38.09 -12.02
N ASP A 93 4.51 39.11 -11.36
CA ASP A 93 3.99 40.45 -11.55
C ASP A 93 4.18 40.97 -12.97
N SER A 94 5.35 40.72 -13.57
CA SER A 94 5.53 41.19 -14.93
C SER A 94 4.60 40.46 -15.89
N ALA A 95 4.33 39.19 -15.61
CA ALA A 95 3.44 38.46 -16.51
C ALA A 95 2.05 39.06 -16.37
N ILE A 96 1.66 39.37 -15.15
CA ILE A 96 0.34 39.94 -14.93
C ILE A 96 0.25 41.30 -15.57
N ASP A 97 1.29 42.13 -15.37
CA ASP A 97 1.31 43.47 -15.93
C ASP A 97 1.27 43.44 -17.44
N SER A 98 1.88 42.44 -18.05
CA SER A 98 1.87 42.38 -19.51
C SER A 98 0.51 41.94 -20.03
N LEU A 99 -0.25 41.24 -19.18
CA LEU A 99 -1.56 40.77 -19.63
C LEU A 99 -2.68 41.79 -19.51
N LYS A 100 -2.66 42.54 -18.41
CA LYS A 100 -3.67 43.55 -18.08
C LYS A 100 -4.31 44.35 -19.22
N PRO A 101 -3.49 45.13 -19.95
CA PRO A 101 -3.97 45.97 -21.05
C PRO A 101 -4.89 45.28 -22.02
N TYR A 102 -4.83 43.96 -22.09
CA TYR A 102 -5.65 43.23 -23.06
C TYR A 102 -6.83 42.46 -22.48
N LEU A 103 -7.02 42.55 -21.18
CA LEU A 103 -8.10 41.81 -20.50
C LEU A 103 -9.44 42.49 -20.44
N ASP A 104 -10.50 41.69 -20.40
CA ASP A 104 -11.82 42.23 -20.27
C ASP A 104 -12.22 42.01 -18.83
N LYS A 105 -13.03 42.91 -18.28
CA LYS A 105 -13.51 42.71 -16.94
C LYS A 105 -14.04 41.27 -16.84
N GLY A 106 -13.82 40.62 -15.70
CA GLY A 106 -14.31 39.25 -15.57
C GLY A 106 -13.30 38.17 -15.96
N ASP A 107 -12.22 38.54 -16.68
CA ASP A 107 -11.23 37.52 -17.06
C ASP A 107 -10.54 36.96 -15.80
N ILE A 108 -9.97 35.77 -15.94
CA ILE A 108 -9.35 35.10 -14.81
C ILE A 108 -7.86 34.76 -15.00
N ILE A 109 -7.00 35.25 -14.12
CA ILE A 109 -5.58 34.91 -14.18
C ILE A 109 -5.39 33.91 -13.06
N ILE A 110 -4.71 32.82 -13.35
CA ILE A 110 -4.48 31.78 -12.34
C ILE A 110 -2.98 31.60 -12.19
N ASP A 111 -2.48 31.90 -11.00
CA ASP A 111 -1.05 31.78 -10.69
C ASP A 111 -0.74 30.42 -10.08
N GLY A 112 -0.09 29.57 -10.85
CA GLY A 112 0.27 28.25 -10.39
C GLY A 112 1.68 28.16 -9.79
N GLY A 113 2.32 29.32 -9.61
CA GLY A 113 3.65 29.34 -9.02
C GLY A 113 3.65 29.02 -7.54
N ASN A 114 4.82 28.78 -6.98
CA ASN A 114 4.87 28.49 -5.56
C ASN A 114 4.96 29.80 -4.81
N THR A 115 3.87 30.55 -4.91
CA THR A 115 3.77 31.89 -4.34
C THR A 115 3.41 32.02 -2.88
N PHE A 116 4.10 32.90 -2.16
CA PHE A 116 3.80 33.11 -0.75
C PHE A 116 2.37 33.69 -0.70
N PHE A 117 1.55 33.16 0.21
CA PHE A 117 0.15 33.52 0.24
C PHE A 117 -0.17 35.00 0.41
N GLN A 118 0.65 35.73 1.16
CA GLN A 118 0.34 37.17 1.31
C GLN A 118 0.48 37.91 -0.04
N ASP A 119 1.36 37.44 -0.91
CA ASP A 119 1.50 38.07 -2.24
C ASP A 119 0.23 37.81 -3.08
N THR A 120 -0.31 36.61 -2.98
CA THR A 120 -1.53 36.27 -3.68
C THR A 120 -2.69 37.11 -3.12
N ILE A 121 -2.69 37.31 -1.81
CA ILE A 121 -3.79 38.10 -1.24
C ILE A 121 -3.72 39.52 -1.81
N ARG A 122 -2.51 40.06 -1.95
CA ARG A 122 -2.30 41.42 -2.46
C ARG A 122 -2.73 41.56 -3.94
N ARG A 123 -2.28 40.64 -4.78
CA ARG A 123 -2.64 40.67 -6.19
C ARG A 123 -4.15 40.45 -6.38
N ASN A 124 -4.71 39.59 -5.54
CA ASN A 124 -6.12 39.29 -5.67
C ASN A 124 -6.94 40.55 -5.38
N ARG A 125 -6.59 41.22 -4.28
CA ARG A 125 -7.28 42.44 -3.89
C ARG A 125 -7.07 43.51 -4.97
N GLU A 126 -5.84 43.64 -5.44
CA GLU A 126 -5.57 44.65 -6.43
C GLU A 126 -6.22 44.38 -7.81
N LEU A 127 -6.12 43.15 -8.29
CA LEU A 127 -6.72 42.81 -9.59
C LEU A 127 -8.26 42.92 -9.49
N SER A 128 -8.81 42.53 -8.34
CA SER A 128 -10.27 42.61 -8.13
C SER A 128 -10.76 44.07 -8.32
N ALA A 129 -10.03 45.02 -7.74
CA ALA A 129 -10.35 46.42 -7.86
C ALA A 129 -10.29 46.93 -9.32
N GLU A 130 -9.59 46.20 -10.19
CA GLU A 130 -9.50 46.59 -11.59
C GLU A 130 -10.44 45.79 -12.49
N GLY A 131 -11.27 44.93 -11.89
CA GLY A 131 -12.19 44.12 -12.67
C GLY A 131 -11.73 42.71 -13.05
N PHE A 132 -10.57 42.24 -12.57
CA PHE A 132 -10.11 40.90 -12.93
C PHE A 132 -10.12 39.92 -11.73
N ASN A 133 -10.32 38.63 -12.03
CA ASN A 133 -10.35 37.56 -11.05
C ASN A 133 -8.95 37.03 -10.94
N PHE A 134 -8.61 36.52 -9.75
CA PHE A 134 -7.24 36.04 -9.53
C PHE A 134 -7.30 34.80 -8.69
N ILE A 135 -6.76 33.71 -9.21
CA ILE A 135 -6.74 32.45 -8.51
C ILE A 135 -5.29 32.07 -8.21
N GLY A 136 -4.91 32.11 -6.95
CA GLY A 136 -3.57 31.68 -6.59
C GLY A 136 -3.76 30.21 -6.31
N THR A 137 -3.03 29.36 -7.00
CA THR A 137 -3.19 27.93 -6.85
C THR A 137 -1.89 27.11 -6.72
N GLY A 138 -1.88 26.25 -5.71
CA GLY A 138 -0.74 25.39 -5.50
C GLY A 138 -0.86 24.30 -6.55
N VAL A 139 0.28 23.82 -7.03
CA VAL A 139 0.28 22.71 -7.97
C VAL A 139 1.37 21.79 -7.43
N SER A 140 1.04 20.55 -7.07
CA SER A 140 2.06 19.65 -6.53
C SER A 140 2.09 18.31 -7.25
N GLY A 141 3.30 17.89 -7.59
CA GLY A 141 3.50 16.61 -8.27
C GLY A 141 4.88 16.47 -8.90
N GLY A 142 5.70 17.52 -8.89
CA GLY A 142 7.00 17.40 -9.55
C GLY A 142 6.75 17.54 -11.05
N GLU A 143 7.81 17.44 -11.85
CA GLU A 143 7.68 17.58 -13.32
C GLU A 143 6.76 16.51 -13.90
N GLU A 144 6.98 15.28 -13.44
CA GLU A 144 6.21 14.16 -13.91
C GLU A 144 4.75 14.30 -13.43
N GLY A 145 4.55 14.78 -12.21
CA GLY A 145 3.19 14.97 -11.72
C GLY A 145 2.41 16.04 -12.48
N THR A 146 3.06 17.15 -12.78
CA THR A 146 2.36 18.22 -13.51
C THR A 146 1.87 17.70 -14.87
N LEU A 147 2.71 16.89 -15.53
CA LEU A 147 2.37 16.28 -16.82
C LEU A 147 1.27 15.22 -16.72
N LYS A 148 1.35 14.33 -15.72
CA LYS A 148 0.36 13.25 -15.61
C LYS A 148 -0.85 13.51 -14.72
N GLY A 149 -0.70 14.26 -13.63
CA GLY A 149 -1.83 14.52 -12.76
C GLY A 149 -1.37 15.03 -11.42
N PRO A 150 -1.36 16.36 -11.24
CA PRO A 150 -0.91 16.91 -9.96
C PRO A 150 -2.05 17.13 -9.02
N SER A 151 -1.72 17.52 -7.80
CA SER A 151 -2.74 17.89 -6.82
C SER A 151 -2.79 19.40 -7.11
N ILE A 152 -3.99 19.96 -7.22
CA ILE A 152 -4.16 21.37 -7.52
C ILE A 152 -4.98 21.99 -6.36
N MET A 153 -4.51 23.13 -5.84
CA MET A 153 -5.06 23.81 -4.65
C MET A 153 -5.35 25.29 -4.91
N PRO A 154 -6.45 25.56 -5.61
CA PRO A 154 -6.85 26.91 -5.96
C PRO A 154 -7.63 27.69 -4.93
N GLY A 155 -7.24 28.96 -4.77
CA GLY A 155 -7.89 29.89 -3.88
C GLY A 155 -8.17 31.19 -4.68
N GLY A 156 -9.31 31.85 -4.43
CA GLY A 156 -9.62 33.07 -5.16
C GLY A 156 -11.13 33.23 -5.24
N GLN A 157 -11.64 33.98 -6.23
CA GLN A 157 -13.10 34.14 -6.36
C GLN A 157 -13.76 32.80 -6.74
N LYS A 158 -14.76 32.42 -5.96
CA LYS A 158 -15.45 31.16 -6.23
C LYS A 158 -16.03 31.06 -7.65
N GLU A 159 -16.61 32.15 -8.10
CA GLU A 159 -17.20 32.19 -9.42
C GLU A 159 -16.14 31.92 -10.50
N ALA A 160 -14.91 32.43 -10.29
CA ALA A 160 -13.83 32.20 -11.27
C ALA A 160 -13.42 30.71 -11.21
N TYR A 161 -13.36 30.15 -10.00
CA TYR A 161 -13.01 28.74 -9.78
C TYR A 161 -13.98 27.81 -10.52
N GLU A 162 -15.28 28.06 -10.33
CA GLU A 162 -16.27 27.20 -10.97
C GLU A 162 -16.14 27.23 -12.50
N LEU A 163 -15.83 28.41 -13.05
CA LEU A 163 -15.69 28.51 -14.51
C LEU A 163 -14.54 27.58 -14.98
N VAL A 164 -13.37 27.68 -14.35
CA VAL A 164 -12.23 26.88 -14.76
C VAL A 164 -12.19 25.47 -14.19
N ALA A 165 -12.91 25.24 -13.11
CA ALA A 165 -12.93 23.90 -12.46
C ALA A 165 -13.01 22.67 -13.37
N PRO A 166 -13.89 22.67 -14.41
CA PRO A 166 -13.99 21.48 -15.27
C PRO A 166 -12.62 21.03 -15.83
N ILE A 167 -11.81 22.00 -16.27
CA ILE A 167 -10.48 21.71 -16.83
C ILE A 167 -9.51 21.24 -15.70
N LEU A 168 -9.52 21.95 -14.58
CA LEU A 168 -8.65 21.56 -13.46
C LEU A 168 -8.99 20.12 -13.07
N LYS A 169 -10.27 19.78 -12.95
CA LYS A 169 -10.65 18.40 -12.59
C LYS A 169 -10.15 17.34 -13.56
N GLN A 170 -10.14 17.65 -14.85
CA GLN A 170 -9.67 16.71 -15.88
C GLN A 170 -8.16 16.50 -15.83
N ILE A 171 -7.42 17.51 -15.37
CA ILE A 171 -5.96 17.37 -15.42
C ILE A 171 -5.35 16.95 -14.15
N ALA A 172 -6.11 17.04 -13.06
CA ALA A 172 -5.58 16.68 -11.74
C ALA A 172 -5.49 15.20 -11.61
N ALA A 173 -4.69 14.75 -10.66
CA ALA A 173 -4.59 13.31 -10.33
C ALA A 173 -5.99 12.95 -9.82
N VAL A 174 -6.35 11.69 -9.94
CA VAL A 174 -7.64 11.26 -9.47
C VAL A 174 -7.42 10.22 -8.34
N ALA A 175 -8.12 10.37 -7.21
CA ALA A 175 -8.02 9.41 -6.12
C ALA A 175 -8.72 8.14 -6.62
N GLU A 176 -8.52 7.02 -5.92
CA GLU A 176 -9.11 5.76 -6.36
C GLU A 176 -10.61 5.67 -6.20
N ASP A 177 -11.19 6.63 -5.51
CA ASP A 177 -12.63 6.68 -5.37
C ASP A 177 -13.15 7.55 -6.51
N GLY A 178 -12.29 7.85 -7.47
CA GLY A 178 -12.74 8.64 -8.59
C GLY A 178 -12.76 10.16 -8.40
N GLU A 179 -12.51 10.66 -7.19
CA GLU A 179 -12.51 12.10 -6.96
C GLU A 179 -11.19 12.78 -7.38
N PRO A 180 -11.28 13.74 -8.30
CA PRO A 180 -10.10 14.50 -8.80
C PRO A 180 -9.46 15.26 -7.65
N CYS A 181 -8.14 15.33 -7.67
CA CYS A 181 -7.43 15.99 -6.61
C CYS A 181 -7.28 17.51 -6.74
N VAL A 182 -8.42 18.18 -6.83
CA VAL A 182 -8.48 19.64 -6.84
C VAL A 182 -9.83 19.91 -6.19
N THR A 183 -9.94 21.04 -5.51
CA THR A 183 -11.23 21.42 -4.92
C THR A 183 -11.12 22.91 -4.66
N TYR A 184 -12.24 23.59 -4.45
CA TYR A 184 -12.20 25.02 -4.13
C TYR A 184 -11.67 25.13 -2.70
N ILE A 185 -10.51 25.71 -2.52
CA ILE A 185 -9.94 25.76 -1.16
C ILE A 185 -10.55 26.89 -0.36
N GLY A 186 -10.63 28.05 -0.97
CA GLY A 186 -11.15 29.22 -0.28
C GLY A 186 -10.81 30.49 -1.03
N ALA A 187 -11.09 31.62 -0.40
CA ALA A 187 -10.86 32.96 -0.94
C ALA A 187 -9.39 33.37 -0.97
N ASP A 188 -9.15 34.37 -1.82
CA ASP A 188 -7.86 34.96 -2.01
C ASP A 188 -6.65 34.00 -1.91
N GLY A 189 -5.88 34.13 -0.83
CA GLY A 189 -4.68 33.34 -0.70
C GLY A 189 -4.74 31.96 -0.10
N ALA A 190 -5.94 31.42 0.11
CA ALA A 190 -6.11 30.11 0.75
C ALA A 190 -5.40 28.97 0.04
N GLY A 191 -5.45 28.96 -1.29
CA GLY A 191 -4.80 27.88 -2.00
C GLY A 191 -3.30 27.89 -1.82
N HIS A 192 -2.69 29.06 -2.01
CA HIS A 192 -1.23 29.11 -1.84
C HIS A 192 -0.87 28.88 -0.39
N TYR A 193 -1.77 29.16 0.55
CA TYR A 193 -1.42 28.90 1.94
C TYR A 193 -1.41 27.37 2.15
N VAL A 194 -2.36 26.67 1.52
CA VAL A 194 -2.44 25.21 1.70
C VAL A 194 -1.22 24.57 1.02
N LYS A 195 -0.81 25.10 -0.14
CA LYS A 195 0.35 24.59 -0.84
C LYS A 195 1.61 24.72 0.05
N MET A 196 1.73 25.84 0.76
CA MET A 196 2.84 26.06 1.66
C MET A 196 2.84 24.99 2.76
N VAL A 197 1.69 24.77 3.35
CA VAL A 197 1.56 23.79 4.42
C VAL A 197 1.89 22.36 3.89
N HIS A 198 1.47 22.03 2.68
CA HIS A 198 1.81 20.74 2.09
C HIS A 198 3.31 20.60 2.10
N ASN A 199 3.99 21.67 1.68
CA ASN A 199 5.44 21.63 1.64
C ASN A 199 6.07 21.53 3.04
N GLY A 200 5.52 22.26 4.01
CA GLY A 200 6.01 22.14 5.38
C GLY A 200 5.84 20.69 5.81
N ILE A 201 4.66 20.11 5.56
CA ILE A 201 4.40 18.72 5.94
C ILE A 201 5.41 17.77 5.21
N GLU A 202 5.70 18.06 3.95
CA GLU A 202 6.66 17.27 3.19
C GLU A 202 8.04 17.33 3.88
N TYR A 203 8.47 18.51 4.32
CA TYR A 203 9.76 18.63 5.02
C TYR A 203 9.77 17.70 6.25
N GLY A 204 8.65 17.67 6.98
CA GLY A 204 8.52 16.81 8.14
C GLY A 204 8.63 15.33 7.82
N ASP A 205 7.99 14.88 6.74
CA ASP A 205 8.02 13.47 6.35
C ASP A 205 9.40 13.03 5.91
N MET A 206 10.09 13.90 5.19
CA MET A 206 11.46 13.58 4.75
C MET A 206 12.41 13.53 5.95
N GLN A 207 12.24 14.42 6.93
CA GLN A 207 13.09 14.38 8.10
C GLN A 207 12.76 13.14 8.96
N LEU A 208 11.49 12.76 9.07
CA LEU A 208 11.15 11.57 9.86
C LEU A 208 11.79 10.36 9.20
N ILE A 209 11.66 10.27 7.88
CA ILE A 209 12.23 9.17 7.14
C ILE A 209 13.75 9.19 7.30
N ALA A 210 14.35 10.39 7.26
CA ALA A 210 15.80 10.51 7.42
C ALA A 210 16.24 9.97 8.80
N GLU A 211 15.41 10.17 9.83
CA GLU A 211 15.73 9.64 11.17
C GLU A 211 15.56 8.12 11.17
N ALA A 212 14.51 7.61 10.54
CA ALA A 212 14.32 6.16 10.46
C ALA A 212 15.58 5.54 9.88
N TYR A 213 16.06 6.14 8.77
CA TYR A 213 17.28 5.72 8.11
C TYR A 213 18.52 5.77 9.02
N ALA A 214 18.68 6.88 9.75
CA ALA A 214 19.81 7.01 10.66
C ALA A 214 19.74 5.96 11.77
N LEU A 215 18.53 5.67 12.24
CA LEU A 215 18.38 4.71 13.29
C LEU A 215 18.69 3.29 12.79
N LEU A 216 18.23 2.94 11.60
CA LEU A 216 18.51 1.58 11.12
C LEU A 216 20.01 1.43 10.82
N LYS A 217 20.57 2.40 10.13
CA LYS A 217 21.97 2.39 9.76
C LYS A 217 22.84 2.46 11.02
N GLY A 218 22.49 3.37 11.94
CA GLY A 218 23.24 3.50 13.20
C GLY A 218 23.09 2.32 14.18
N GLY A 219 21.85 1.88 14.44
CA GLY A 219 21.66 0.80 15.39
C GLY A 219 21.87 -0.64 14.95
N LEU A 220 21.70 -0.91 13.65
CA LEU A 220 21.81 -2.28 13.14
C LEU A 220 22.78 -2.39 12.02
N ALA A 221 23.43 -1.28 11.69
CA ALA A 221 24.38 -1.24 10.60
C ALA A 221 23.83 -1.95 9.35
N LEU A 222 22.61 -1.60 8.95
CA LEU A 222 21.99 -2.23 7.75
C LEU A 222 22.69 -1.77 6.49
N SER A 223 22.80 -2.66 5.52
CA SER A 223 23.43 -2.23 4.28
C SER A 223 22.31 -1.54 3.51
N ASN A 224 22.65 -0.96 2.36
CA ASN A 224 21.69 -0.29 1.55
C ASN A 224 20.65 -1.26 0.99
N GLU A 225 21.07 -2.49 0.64
CA GLU A 225 20.16 -3.50 0.15
C GLU A 225 19.16 -3.85 1.25
N GLU A 226 19.63 -3.99 2.49
CA GLU A 226 18.66 -4.25 3.57
C GLU A 226 17.75 -3.02 3.76
N LEU A 227 18.29 -1.80 3.61
CA LEU A 227 17.43 -0.59 3.74
C LEU A 227 16.32 -0.64 2.69
N ALA A 228 16.71 -0.90 1.46
CA ALA A 228 15.79 -0.99 0.35
C ALA A 228 14.72 -2.05 0.67
N GLN A 229 15.16 -3.22 1.09
CA GLN A 229 14.20 -4.26 1.39
C GLN A 229 13.22 -3.82 2.50
N THR A 230 13.76 -3.21 3.55
CA THR A 230 12.93 -2.75 4.68
C THR A 230 11.88 -1.72 4.22
N PHE A 231 12.34 -0.69 3.49
CA PHE A 231 11.41 0.33 3.01
C PHE A 231 10.40 -0.26 2.09
N THR A 232 10.82 -1.25 1.30
CA THR A 232 9.89 -1.89 0.39
C THR A 232 8.78 -2.54 1.22
N GLU A 233 9.15 -3.25 2.28
CA GLU A 233 8.14 -3.89 3.15
C GLU A 233 7.24 -2.87 3.82
N TRP A 234 7.83 -1.81 4.36
CA TRP A 234 7.04 -0.76 5.01
C TRP A 234 6.03 -0.19 4.02
N ASN A 235 6.44 -0.11 2.76
CA ASN A 235 5.62 0.45 1.72
C ASN A 235 4.45 -0.46 1.42
N GLU A 236 4.56 -1.72 1.79
CA GLU A 236 3.44 -2.61 1.54
C GLU A 236 2.34 -2.48 2.62
N GLY A 237 2.68 -1.89 3.76
CA GLY A 237 1.71 -1.71 4.84
C GLY A 237 1.14 -0.28 4.97
N GLU A 238 0.68 0.05 6.16
CA GLU A 238 0.09 1.34 6.42
C GLU A 238 0.99 2.56 6.08
N LEU A 239 2.32 2.39 6.00
CA LEU A 239 3.21 3.52 5.66
C LEU A 239 3.22 3.82 4.17
N SER A 240 2.55 2.95 3.41
CA SER A 240 2.42 3.04 1.95
C SER A 240 2.38 4.52 1.49
N SER A 241 3.41 4.97 0.77
CA SER A 241 3.46 6.36 0.38
C SER A 241 4.43 6.61 -0.76
N TYR A 242 4.25 7.73 -1.44
CA TYR A 242 5.16 8.06 -2.52
C TYR A 242 6.61 8.26 -1.97
N LEU A 243 6.73 9.02 -0.89
CA LEU A 243 8.01 9.28 -0.28
C LEU A 243 8.73 7.99 0.16
N ILE A 244 8.00 7.04 0.74
CA ILE A 244 8.62 5.79 1.12
C ILE A 244 9.09 5.03 -0.14
N ASP A 245 8.28 5.04 -1.21
CA ASP A 245 8.58 4.35 -2.48
C ASP A 245 9.87 4.81 -3.17
N ILE A 246 10.06 6.13 -3.30
CA ILE A 246 11.24 6.64 -3.96
C ILE A 246 12.45 6.41 -3.08
N THR A 247 12.23 6.36 -1.76
CA THR A 247 13.31 6.09 -0.82
C THR A 247 13.86 4.67 -1.00
N LYS A 248 12.99 3.69 -1.22
CA LYS A 248 13.49 2.33 -1.43
C LYS A 248 14.23 2.32 -2.76
N ASP A 249 13.74 3.12 -3.73
CA ASP A 249 14.42 3.18 -5.00
C ASP A 249 15.81 3.77 -4.78
N ILE A 250 15.87 4.86 -4.06
CA ILE A 250 17.15 5.52 -3.83
C ILE A 250 18.20 4.58 -3.26
N PHE A 251 17.82 3.73 -2.32
CA PHE A 251 18.81 2.84 -1.73
C PHE A 251 19.32 1.74 -2.66
N THR A 252 18.72 1.57 -3.83
CA THR A 252 19.19 0.55 -4.79
C THR A 252 19.94 1.19 -5.94
N LYS A 253 20.05 2.51 -5.96
CA LYS A 253 20.71 3.17 -7.07
C LYS A 253 22.22 3.16 -6.96
N LYS A 254 22.86 2.74 -8.04
CA LYS A 254 24.30 2.68 -8.13
C LYS A 254 24.76 3.55 -9.29
N ASP A 255 25.92 4.15 -9.15
CA ASP A 255 26.43 4.97 -10.23
C ASP A 255 27.19 4.11 -11.22
N GLU A 256 27.67 4.74 -12.28
CA GLU A 256 28.40 4.07 -13.35
C GLU A 256 29.50 3.09 -12.93
N GLU A 257 30.09 3.28 -11.75
CA GLU A 257 31.12 2.35 -11.30
C GLU A 257 30.70 1.44 -10.14
N GLY A 258 29.40 1.30 -9.92
CA GLY A 258 28.94 0.43 -8.87
C GLY A 258 28.84 1.03 -7.46
N LYS A 259 29.11 2.33 -7.33
CA LYS A 259 28.99 2.95 -6.01
C LYS A 259 27.53 3.32 -5.74
N TYR A 260 27.07 3.08 -4.52
CA TYR A 260 25.74 3.44 -4.11
C TYR A 260 25.72 4.93 -4.12
N LEU A 261 24.81 5.51 -4.87
CA LEU A 261 24.73 6.96 -4.96
C LEU A 261 24.42 7.64 -3.61
N VAL A 262 23.52 7.05 -2.83
CA VAL A 262 23.16 7.70 -1.59
C VAL A 262 24.33 7.92 -0.63
N ASP A 263 25.31 7.04 -0.68
CA ASP A 263 26.43 7.16 0.22
C ASP A 263 27.47 8.24 -0.15
N VAL A 264 27.43 8.77 -1.37
CA VAL A 264 28.37 9.82 -1.72
C VAL A 264 27.70 11.16 -2.01
N ILE A 265 26.42 11.30 -1.68
CA ILE A 265 25.74 12.57 -1.89
C ILE A 265 26.05 13.44 -0.67
N LEU A 266 26.47 14.70 -0.91
CA LEU A 266 26.80 15.63 0.16
C LEU A 266 25.58 15.91 1.02
N ASP A 267 25.73 15.64 2.32
CA ASP A 267 24.64 15.84 3.28
C ASP A 267 24.39 17.32 3.62
N GLU A 268 24.05 18.12 2.60
CA GLU A 268 23.72 19.51 2.84
C GLU A 268 22.38 19.71 2.16
N ALA A 269 21.34 19.60 2.98
CA ALA A 269 19.96 19.72 2.55
C ALA A 269 19.62 21.15 2.25
N ALA A 270 19.29 21.39 0.99
CA ALA A 270 18.90 22.70 0.56
C ALA A 270 17.41 22.90 0.89
N ASN A 271 16.91 24.11 0.73
CA ASN A 271 15.50 24.40 0.97
C ASN A 271 15.12 25.57 0.02
N LYS A 272 13.83 25.85 -0.12
CA LYS A 272 13.37 26.96 -0.97
C LYS A 272 12.24 27.76 -0.27
N GLY A 273 12.46 28.07 1.00
CA GLY A 273 11.48 28.84 1.76
C GLY A 273 10.17 28.27 2.33
N THR A 274 9.39 27.55 1.53
CA THR A 274 8.09 27.04 2.02
C THR A 274 8.14 26.34 3.39
N GLY A 275 9.25 25.64 3.66
CA GLY A 275 9.38 24.97 4.94
C GLY A 275 9.50 26.06 5.97
N LYS A 276 10.39 26.99 5.69
CA LYS A 276 10.59 28.16 6.56
C LYS A 276 9.27 28.90 6.74
N TRP A 277 8.59 29.13 5.62
CA TRP A 277 7.33 29.86 5.66
C TRP A 277 6.26 29.27 6.56
N THR A 278 6.09 27.94 6.53
CA THR A 278 5.09 27.29 7.37
C THR A 278 5.39 27.55 8.84
N SER A 279 6.64 27.39 9.20
CA SER A 279 7.02 27.57 10.59
C SER A 279 6.88 29.00 11.01
N GLN A 280 7.18 29.92 10.11
CA GLN A 280 7.03 31.31 10.51
C GLN A 280 5.56 31.61 10.76
N SER A 281 4.67 30.96 10.01
CA SER A 281 3.26 31.21 10.19
C SER A 281 2.79 30.62 11.51
N SER A 282 3.32 29.45 11.84
CA SER A 282 2.96 28.79 13.12
C SER A 282 3.31 29.72 14.29
N LEU A 283 4.42 30.45 14.14
CA LEU A 283 4.85 31.34 15.20
C LEU A 283 3.96 32.58 15.24
N ASP A 284 3.52 33.07 14.07
CA ASP A 284 2.57 34.20 14.06
C ASP A 284 1.18 33.75 14.58
N LEU A 285 0.78 32.50 14.34
CA LEU A 285 -0.56 32.06 14.75
C LEU A 285 -0.69 31.38 16.14
N GLY A 286 0.42 31.22 16.86
CA GLY A 286 0.39 30.61 18.17
C GLY A 286 0.26 29.10 18.16
N GLU A 287 0.71 28.50 17.05
CA GLU A 287 0.63 27.03 16.86
C GLU A 287 1.94 26.35 17.18
N PRO A 288 1.88 25.27 17.97
CA PRO A 288 3.12 24.54 18.35
C PRO A 288 3.54 23.54 17.27
N LEU A 289 3.95 24.05 16.13
CA LEU A 289 4.35 23.21 14.99
C LEU A 289 5.82 22.78 15.11
N SER A 290 6.12 22.09 16.21
CA SER A 290 7.47 21.68 16.52
C SER A 290 8.09 20.71 15.53
N LEU A 291 7.33 19.75 15.02
CA LEU A 291 7.95 18.74 14.16
C LEU A 291 8.45 19.26 12.78
N ILE A 292 7.57 19.92 12.04
CA ILE A 292 8.00 20.50 10.79
C ILE A 292 9.10 21.59 11.12
N THR A 293 8.95 22.33 12.20
CA THR A 293 9.92 23.36 12.48
C THR A 293 11.32 22.73 12.73
N GLU A 294 11.33 21.62 13.47
CA GLU A 294 12.59 20.92 13.73
C GLU A 294 13.10 20.38 12.40
N SER A 295 12.19 19.99 11.49
CA SER A 295 12.64 19.54 10.19
C SER A 295 13.42 20.65 9.47
N VAL A 296 12.88 21.86 9.52
CA VAL A 296 13.57 23.01 8.88
C VAL A 296 14.96 23.25 9.53
N PHE A 297 15.00 23.26 10.87
CA PHE A 297 16.25 23.47 11.57
C PHE A 297 17.27 22.36 11.28
N ALA A 298 16.80 21.12 11.11
CA ALA A 298 17.72 20.01 10.79
C ALA A 298 18.36 20.29 9.43
N ARG A 299 17.58 20.85 8.50
CA ARG A 299 18.16 21.21 7.23
C ARG A 299 19.19 22.31 7.44
N TYR A 300 18.89 23.29 8.33
CA TYR A 300 19.84 24.41 8.56
C TYR A 300 21.17 23.90 9.10
N ILE A 301 21.12 23.01 10.10
CA ILE A 301 22.34 22.48 10.68
C ILE A 301 23.11 21.56 9.67
N SER A 302 22.40 20.85 8.81
CA SER A 302 23.13 20.05 7.82
C SER A 302 23.91 20.98 6.90
N SER A 303 23.45 22.21 6.72
CA SER A 303 24.20 23.17 5.87
C SER A 303 25.51 23.60 6.51
N LEU A 304 25.61 23.44 7.83
CA LEU A 304 26.84 23.84 8.51
C LEU A 304 27.83 22.67 8.45
N LYS A 305 27.94 22.03 7.30
CA LYS A 305 28.79 20.88 7.09
C LYS A 305 30.24 21.06 7.58
N ASP A 306 30.91 22.14 7.15
CA ASP A 306 32.27 22.39 7.59
C ASP A 306 32.31 22.52 9.13
N GLN A 307 31.37 23.26 9.71
CA GLN A 307 31.35 23.37 11.17
C GLN A 307 31.20 21.96 11.82
N ARG A 308 30.37 21.11 11.21
CA ARG A 308 30.12 19.75 11.75
C ARG A 308 31.33 18.85 11.68
N VAL A 309 32.05 18.90 10.56
CA VAL A 309 33.26 18.05 10.44
C VAL A 309 34.26 18.51 11.52
N ALA A 310 34.44 19.82 11.65
CA ALA A 310 35.33 20.42 12.64
C ALA A 310 34.96 19.96 14.04
N ALA A 311 33.66 20.08 14.36
CA ALA A 311 33.14 19.71 15.68
C ALA A 311 33.27 18.23 15.97
N SER A 312 33.18 17.42 14.91
CA SER A 312 33.29 15.96 15.07
C SER A 312 34.66 15.51 15.56
N LYS A 313 35.69 16.32 15.37
CA LYS A 313 37.05 15.93 15.79
C LYS A 313 37.34 16.44 17.19
N VAL A 314 36.46 17.31 17.67
CA VAL A 314 36.62 17.98 18.96
C VAL A 314 35.68 17.49 20.05
N LEU A 315 34.38 17.43 19.76
CA LEU A 315 33.39 17.04 20.77
C LEU A 315 33.29 15.55 20.93
N SER A 316 33.13 15.11 22.18
CA SER A 316 33.04 13.69 22.46
C SER A 316 31.60 13.24 22.48
N GLY A 317 31.42 11.94 22.37
CA GLY A 317 30.10 11.38 22.40
C GLY A 317 30.17 9.91 22.70
N PRO A 318 29.02 9.30 23.01
CA PRO A 318 29.05 7.86 23.32
C PRO A 318 29.24 6.95 22.11
N GLN A 319 29.76 5.77 22.37
CA GLN A 319 29.95 4.75 21.31
C GLN A 319 28.57 4.10 21.11
N ALA A 320 28.03 4.20 19.91
CA ALA A 320 26.73 3.64 19.60
C ALA A 320 26.79 2.12 19.68
N GLN A 321 25.95 1.53 20.54
CA GLN A 321 25.90 0.07 20.70
C GLN A 321 24.79 -0.52 19.83
N PRO A 322 24.98 -1.75 19.30
CA PRO A 322 23.95 -2.39 18.47
C PRO A 322 22.55 -2.40 19.13
N ALA A 323 21.53 -2.16 18.33
CA ALA A 323 20.17 -2.11 18.86
C ALA A 323 19.57 -3.46 19.29
N GLY A 324 20.17 -4.56 18.88
CA GLY A 324 19.62 -5.83 19.33
C GLY A 324 19.04 -6.58 18.15
N ASP A 325 18.04 -7.43 18.40
CA ASP A 325 17.45 -8.19 17.34
C ASP A 325 17.07 -7.27 16.17
N LYS A 326 17.44 -7.65 14.95
CA LYS A 326 17.12 -6.81 13.81
C LYS A 326 15.62 -6.54 13.58
N ALA A 327 14.85 -7.60 13.33
CA ALA A 327 13.42 -7.47 13.08
C ALA A 327 12.67 -6.70 14.14
N GLU A 328 12.97 -6.93 15.41
CA GLU A 328 12.22 -6.22 16.42
C GLU A 328 12.53 -4.71 16.41
N PHE A 329 13.80 -4.35 16.27
CA PHE A 329 14.17 -2.97 16.23
C PHE A 329 13.56 -2.29 15.00
N ILE A 330 13.67 -2.96 13.85
CA ILE A 330 13.14 -2.42 12.61
C ILE A 330 11.65 -2.08 12.79
N GLU A 331 10.91 -2.99 13.42
CA GLU A 331 9.48 -2.79 13.67
C GLU A 331 9.21 -1.60 14.58
N LYS A 332 10.00 -1.46 15.66
CA LYS A 332 9.83 -0.34 16.57
C LYS A 332 10.12 0.97 15.76
N VAL A 333 11.14 0.96 14.91
CA VAL A 333 11.39 2.14 14.14
C VAL A 333 10.22 2.44 13.15
N ARG A 334 9.63 1.40 12.56
CA ARG A 334 8.47 1.55 11.63
C ARG A 334 7.30 2.21 12.37
N ARG A 335 7.05 1.70 13.57
CA ARG A 335 5.97 2.20 14.41
C ARG A 335 6.17 3.66 14.82
N ALA A 336 7.40 3.95 15.23
CA ALA A 336 7.84 5.27 15.65
C ALA A 336 7.58 6.25 14.48
N LEU A 337 8.01 5.88 13.30
CA LEU A 337 7.84 6.70 12.11
C LEU A 337 6.40 6.99 11.83
N TYR A 338 5.57 5.95 11.88
CA TYR A 338 4.15 6.13 11.61
C TYR A 338 3.52 7.05 12.67
N LEU A 339 3.79 6.80 13.95
CA LEU A 339 3.23 7.68 14.96
C LEU A 339 3.83 9.09 14.81
N GLY A 340 5.08 9.16 14.33
CA GLY A 340 5.69 10.47 14.11
C GLY A 340 4.91 11.26 13.07
N LYS A 341 4.50 10.59 11.99
CA LYS A 341 3.70 11.24 10.97
C LYS A 341 2.35 11.67 11.55
N ILE A 342 1.74 10.81 12.37
CA ILE A 342 0.46 11.17 12.99
C ILE A 342 0.58 12.51 13.76
N VAL A 343 1.62 12.63 14.58
CA VAL A 343 1.86 13.84 15.33
C VAL A 343 2.13 15.04 14.38
N SER A 344 2.98 14.84 13.38
CA SER A 344 3.27 15.96 12.50
C SER A 344 2.02 16.50 11.80
N TYR A 345 1.18 15.58 11.32
CA TYR A 345 -0.03 15.99 10.62
C TYR A 345 -1.06 16.56 11.61
N ALA A 346 -1.06 16.11 12.85
CA ALA A 346 -2.01 16.68 13.80
C ALA A 346 -1.64 18.13 13.95
N GLN A 347 -0.34 18.37 14.05
CA GLN A 347 0.14 19.73 14.20
C GLN A 347 -0.16 20.54 12.93
N GLY A 348 0.03 19.95 11.76
CA GLY A 348 -0.21 20.63 10.50
C GLY A 348 -1.67 21.02 10.28
N PHE A 349 -2.59 20.11 10.57
CA PHE A 349 -4.01 20.41 10.37
C PHE A 349 -4.53 21.36 11.45
N SER A 350 -3.96 21.29 12.65
CA SER A 350 -4.35 22.28 13.66
C SER A 350 -3.91 23.66 13.16
N GLN A 351 -2.77 23.77 12.47
CA GLN A 351 -2.33 25.08 11.95
C GLN A 351 -3.21 25.54 10.78
N LEU A 352 -3.66 24.58 9.98
CA LEU A 352 -4.58 24.92 8.91
C LEU A 352 -5.84 25.53 9.55
N ARG A 353 -6.29 25.00 10.69
CA ARG A 353 -7.45 25.62 11.33
C ARG A 353 -7.10 27.03 11.84
N ALA A 354 -5.97 27.17 12.55
CA ALA A 354 -5.57 28.45 13.05
C ALA A 354 -5.52 29.43 11.88
N ALA A 355 -4.94 29.02 10.75
CA ALA A 355 -4.85 29.91 9.56
C ALA A 355 -6.24 30.21 9.00
N SER A 356 -7.08 29.18 8.88
CA SER A 356 -8.43 29.40 8.38
C SER A 356 -9.14 30.52 9.22
N ASP A 357 -9.03 30.44 10.54
CA ASP A 357 -9.63 31.43 11.43
C ASP A 357 -9.07 32.81 11.22
N GLU A 358 -7.75 32.89 11.20
CA GLU A 358 -7.04 34.15 11.07
C GLU A 358 -7.36 34.90 9.79
N TYR A 359 -7.38 34.15 8.70
CA TYR A 359 -7.57 34.74 7.41
C TYR A 359 -8.96 34.58 6.86
N ASN A 360 -9.90 34.14 7.69
CA ASN A 360 -11.31 34.03 7.27
C ASN A 360 -11.52 33.18 6.04
N TRP A 361 -11.02 31.95 6.06
CA TRP A 361 -11.18 31.09 4.91
C TRP A 361 -12.22 29.95 5.04
N ASP A 362 -12.67 29.66 6.24
CA ASP A 362 -13.59 28.52 6.44
C ASP A 362 -13.04 27.27 5.69
N LEU A 363 -11.77 26.94 5.90
CA LEU A 363 -11.20 25.77 5.23
C LEU A 363 -11.98 24.47 5.52
N ASN A 364 -12.02 23.56 4.56
CA ASN A 364 -12.69 22.28 4.75
C ASN A 364 -11.54 21.26 4.83
N TYR A 365 -11.16 20.90 6.07
CA TYR A 365 -9.98 20.05 6.28
C TYR A 365 -10.07 18.69 5.59
N GLY A 366 -11.26 18.08 5.64
CA GLY A 366 -11.46 16.78 5.00
C GLY A 366 -11.20 16.87 3.52
N GLU A 367 -11.71 17.92 2.88
CA GLU A 367 -11.48 18.09 1.43
C GLU A 367 -10.01 18.33 1.10
N ILE A 368 -9.31 19.06 1.96
CA ILE A 368 -7.88 19.30 1.73
C ILE A 368 -7.14 17.94 1.86
N ALA A 369 -7.46 17.17 2.88
CA ALA A 369 -6.85 15.85 3.04
C ALA A 369 -7.15 14.99 1.77
N LYS A 370 -8.38 15.06 1.28
CA LYS A 370 -8.77 14.29 0.09
C LYS A 370 -7.92 14.58 -1.13
N ILE A 371 -7.63 15.87 -1.37
CA ILE A 371 -6.83 16.19 -2.56
C ILE A 371 -5.34 15.93 -2.36
N PHE A 372 -4.96 15.55 -1.13
CA PHE A 372 -3.56 15.23 -0.91
C PHE A 372 -3.35 13.71 -1.09
N ARG A 373 -4.43 12.97 -1.41
CA ARG A 373 -4.35 11.51 -1.56
C ARG A 373 -3.60 11.02 -2.78
N ALA A 374 -3.39 11.89 -3.78
CA ALA A 374 -2.68 11.52 -4.98
C ALA A 374 -2.15 12.81 -5.60
N GLY A 375 -1.30 12.68 -6.62
CA GLY A 375 -0.70 13.81 -7.28
C GLY A 375 0.45 14.46 -6.52
N CYS A 376 0.16 15.03 -5.35
CA CYS A 376 1.15 15.72 -4.53
C CYS A 376 2.29 14.83 -4.06
N ILE A 377 3.37 15.46 -3.60
CA ILE A 377 4.52 14.75 -3.12
C ILE A 377 4.23 13.93 -1.82
N ILE A 378 3.41 14.44 -0.90
CA ILE A 378 3.15 13.69 0.34
C ILE A 378 2.06 12.62 0.17
N ARG A 379 1.59 12.39 -1.06
CA ARG A 379 0.50 11.39 -1.26
C ARG A 379 0.77 10.06 -0.56
N ALA A 380 -0.28 9.50 0.02
CA ALA A 380 -0.19 8.27 0.77
C ALA A 380 -1.56 7.79 1.26
N GLN A 381 -1.67 6.49 1.50
CA GLN A 381 -2.92 5.91 2.02
C GLN A 381 -3.28 6.67 3.33
N PHE A 382 -2.25 7.10 4.08
CA PHE A 382 -2.37 7.87 5.33
C PHE A 382 -3.35 9.06 5.18
N LEU A 383 -3.32 9.74 4.02
CA LEU A 383 -4.22 10.86 3.83
C LEU A 383 -5.69 10.41 3.82
N GLN A 384 -5.95 9.15 3.47
CA GLN A 384 -7.31 8.63 3.53
C GLN A 384 -7.72 8.52 5.02
N LYS A 385 -6.76 8.17 5.90
CA LYS A 385 -7.07 8.08 7.33
C LYS A 385 -7.47 9.45 7.82
N ILE A 386 -6.77 10.47 7.36
CA ILE A 386 -7.15 11.78 7.80
C ILE A 386 -8.54 12.17 7.28
N THR A 387 -8.79 11.87 6.01
CA THR A 387 -10.11 12.12 5.35
C THR A 387 -11.21 11.45 6.20
N ASP A 388 -11.00 10.16 6.52
CA ASP A 388 -12.00 9.45 7.34
C ASP A 388 -12.25 10.16 8.68
N ALA A 389 -11.18 10.63 9.31
CA ALA A 389 -11.29 11.29 10.59
C ALA A 389 -12.18 12.51 10.52
N TYR A 390 -12.03 13.29 9.46
CA TYR A 390 -12.86 14.47 9.29
C TYR A 390 -14.27 14.05 8.82
N ALA A 391 -14.33 12.96 8.06
CA ALA A 391 -15.62 12.43 7.59
C ALA A 391 -16.45 12.08 8.82
N GLN A 392 -15.82 11.50 9.84
CA GLN A 392 -16.63 11.17 10.98
C GLN A 392 -16.84 12.31 11.97
N ASN A 393 -15.99 13.34 11.93
CA ASN A 393 -16.14 14.43 12.88
C ASN A 393 -15.39 15.66 12.35
N ALA A 394 -16.12 16.45 11.57
CA ALA A 394 -15.59 17.64 10.93
C ALA A 394 -14.99 18.66 11.89
N GLY A 395 -15.57 18.78 13.07
CA GLY A 395 -15.08 19.73 14.03
C GLY A 395 -14.09 19.19 15.04
N ILE A 396 -13.56 17.98 14.82
CA ILE A 396 -12.59 17.38 15.75
C ILE A 396 -11.48 18.41 16.03
N ALA A 397 -11.19 18.60 17.29
CA ALA A 397 -10.20 19.55 17.75
C ALA A 397 -8.74 19.24 17.38
N ASN A 398 -8.39 17.96 17.32
CA ASN A 398 -7.00 17.55 17.02
C ASN A 398 -7.06 16.11 16.50
N LEU A 399 -6.32 15.83 15.44
CA LEU A 399 -6.34 14.51 14.84
C LEU A 399 -6.03 13.39 15.81
N LEU A 400 -5.19 13.66 16.82
CA LEU A 400 -4.84 12.64 17.83
C LEU A 400 -6.10 12.11 18.53
N LEU A 401 -7.15 12.91 18.61
CA LEU A 401 -8.37 12.47 19.30
C LEU A 401 -9.25 11.53 18.46
N ALA A 402 -9.03 11.52 17.14
CA ALA A 402 -9.77 10.65 16.23
C ALA A 402 -9.53 9.19 16.67
N PRO A 403 -10.61 8.38 16.73
CA PRO A 403 -10.50 6.96 17.13
C PRO A 403 -9.36 6.19 16.49
N TYR A 404 -9.23 6.29 15.18
CA TYR A 404 -8.17 5.57 14.51
C TYR A 404 -6.81 6.00 15.04
N PHE A 405 -6.57 7.32 15.11
CA PHE A 405 -5.25 7.79 15.57
C PHE A 405 -4.99 7.54 17.02
N LYS A 406 -6.05 7.62 17.83
CA LYS A 406 -5.98 7.38 19.27
C LYS A 406 -5.51 5.95 19.49
N GLN A 407 -6.07 5.04 18.70
CA GLN A 407 -5.71 3.62 18.83
C GLN A 407 -4.26 3.39 18.39
N ILE A 408 -3.85 3.94 17.25
CA ILE A 408 -2.45 3.77 16.83
C ILE A 408 -1.52 4.32 17.96
N ALA A 409 -1.87 5.44 18.57
CA ALA A 409 -1.01 6.00 19.60
C ALA A 409 -0.91 5.03 20.78
N ASP A 410 -2.07 4.48 21.18
CA ASP A 410 -2.15 3.50 22.27
C ASP A 410 -1.15 2.39 21.97
N ASP A 411 -1.20 1.87 20.74
CA ASP A 411 -0.35 0.75 20.38
C ASP A 411 1.10 1.02 20.00
N TYR A 412 1.40 2.19 19.44
CA TYR A 412 2.74 2.47 18.97
C TYR A 412 3.60 3.39 19.82
N GLN A 413 3.02 4.06 20.80
CA GLN A 413 3.85 4.97 21.58
C GLN A 413 5.04 4.32 22.26
N GLN A 414 4.85 3.10 22.77
CA GLN A 414 5.97 2.45 23.45
C GLN A 414 7.15 2.28 22.49
N ALA A 415 6.86 1.94 21.23
CA ALA A 415 7.93 1.82 20.24
C ALA A 415 8.62 3.19 20.07
N LEU A 416 7.82 4.26 19.93
CA LEU A 416 8.41 5.59 19.78
C LEU A 416 9.33 5.89 21.00
N ARG A 417 8.79 5.67 22.19
CA ARG A 417 9.53 5.90 23.42
C ARG A 417 10.81 5.08 23.46
N ASP A 418 10.75 3.80 23.09
CA ASP A 418 11.97 2.97 23.08
C ASP A 418 13.01 3.48 22.07
N VAL A 419 12.58 3.85 20.86
CA VAL A 419 13.49 4.32 19.81
C VAL A 419 14.21 5.61 20.23
N VAL A 420 13.45 6.58 20.69
CA VAL A 420 14.03 7.85 21.14
C VAL A 420 15.04 7.58 22.30
N ALA A 421 14.68 6.77 23.30
CA ALA A 421 15.61 6.51 24.42
C ALA A 421 16.89 5.86 23.87
N TYR A 422 16.72 4.88 22.99
CA TYR A 422 17.89 4.21 22.41
C TYR A 422 18.76 5.25 21.67
N ALA A 423 18.13 6.05 20.80
CA ALA A 423 18.85 7.04 20.02
C ALA A 423 19.62 7.99 20.92
N VAL A 424 18.95 8.53 21.94
CA VAL A 424 19.59 9.44 22.86
C VAL A 424 20.70 8.83 23.70
N GLN A 425 20.50 7.58 24.12
CA GLN A 425 21.53 6.90 24.89
C GLN A 425 22.71 6.57 23.96
N ASN A 426 22.46 6.49 22.65
CA ASN A 426 23.53 6.14 21.72
C ASN A 426 24.10 7.20 20.78
N GLY A 427 23.75 8.47 21.00
CA GLY A 427 24.34 9.52 20.17
C GLY A 427 23.77 9.77 18.80
N ILE A 428 22.61 9.20 18.53
CA ILE A 428 21.99 9.40 17.21
C ILE A 428 20.94 10.52 17.35
N PRO A 429 21.12 11.64 16.61
CA PRO A 429 20.17 12.77 16.69
C PRO A 429 18.80 12.42 16.12
N VAL A 430 17.75 12.57 16.92
CA VAL A 430 16.39 12.29 16.46
C VAL A 430 15.49 13.47 16.86
N PRO A 431 15.75 14.61 16.23
CA PRO A 431 14.99 15.85 16.50
C PRO A 431 13.48 15.68 16.28
N THR A 432 13.03 15.14 15.14
CA THR A 432 11.58 15.01 14.98
C THR A 432 10.94 13.88 15.79
N PHE A 433 11.62 12.75 15.99
CA PHE A 433 11.02 11.68 16.78
C PHE A 433 10.91 12.20 18.20
N SER A 434 11.92 12.95 18.66
CA SER A 434 11.90 13.57 20.01
C SER A 434 10.78 14.60 20.07
N ALA A 435 10.63 15.38 19.02
CA ALA A 435 9.56 16.36 18.99
C ALA A 435 8.20 15.67 19.08
N ALA A 436 8.01 14.58 18.33
CA ALA A 436 6.74 13.88 18.34
C ALA A 436 6.33 13.39 19.71
N ILE A 437 7.26 12.77 20.46
CA ILE A 437 6.86 12.27 21.77
C ILE A 437 6.65 13.42 22.76
N ALA A 438 7.46 14.47 22.64
CA ALA A 438 7.31 15.61 23.55
C ALA A 438 5.91 16.25 23.32
N TYR A 439 5.49 16.29 22.06
CA TYR A 439 4.18 16.86 21.74
C TYR A 439 3.07 15.95 22.28
N TYR A 440 3.17 14.66 22.00
CA TYR A 440 2.12 13.75 22.48
C TYR A 440 1.97 13.86 24.00
N ASP A 441 3.11 13.90 24.72
CA ASP A 441 3.06 13.98 26.18
C ASP A 441 2.62 15.34 26.70
N SER A 442 2.88 16.41 25.95
CA SER A 442 2.43 17.72 26.41
C SER A 442 0.94 17.88 26.21
N TYR A 443 0.50 17.50 25.03
CA TYR A 443 -0.90 17.63 24.68
C TYR A 443 -1.83 16.87 25.60
N ARG A 444 -1.42 15.68 26.06
CA ARG A 444 -2.29 14.90 26.97
C ARG A 444 -2.13 15.29 28.45
N SER A 445 -1.28 16.28 28.73
CA SER A 445 -1.03 16.75 30.09
C SER A 445 -2.07 17.74 30.59
N ALA A 446 -2.92 17.36 31.53
CA ALA A 446 -3.91 18.31 32.01
C ALA A 446 -3.15 19.52 32.63
N VAL A 447 -2.01 19.22 33.24
CA VAL A 447 -1.19 20.25 33.86
C VAL A 447 0.27 20.21 33.37
N LEU A 448 0.75 21.37 32.91
CA LEU A 448 2.15 21.47 32.44
C LEU A 448 2.89 22.38 33.45
N PRO A 449 4.24 22.39 33.44
CA PRO A 449 4.98 23.24 34.37
C PRO A 449 4.96 24.73 34.07
N ALA A 450 4.07 25.16 33.19
CA ALA A 450 3.93 26.56 32.84
C ALA A 450 3.40 27.33 34.06
N ASN A 451 2.95 26.62 35.10
CA ASN A 451 2.51 27.30 36.31
C ASN A 451 3.74 28.02 36.88
N LEU A 452 4.88 27.34 36.87
CA LEU A 452 6.12 27.95 37.37
C LEU A 452 6.54 29.12 36.45
N ILE A 453 6.39 28.93 35.13
CA ILE A 453 6.76 29.98 34.20
C ILE A 453 5.92 31.23 34.51
N GLN A 454 4.63 31.06 34.77
CA GLN A 454 3.76 32.19 35.07
C GLN A 454 4.16 32.88 36.38
N ALA A 455 4.48 32.06 37.39
CA ALA A 455 4.92 32.53 38.69
C ALA A 455 6.19 33.37 38.53
N GLN A 456 7.16 32.89 37.73
CA GLN A 456 8.39 33.68 37.51
C GLN A 456 8.08 35.01 36.80
N ARG A 457 7.20 34.99 35.82
CA ARG A 457 6.86 36.21 35.10
C ARG A 457 6.23 37.24 36.04
N ASP A 458 5.39 36.78 36.96
CA ASP A 458 4.76 37.73 37.84
C ASP A 458 5.82 38.28 38.81
N TYR A 459 6.76 37.43 39.19
CA TYR A 459 7.81 37.82 40.11
C TYR A 459 8.72 38.93 39.52
N PHE A 460 9.39 38.66 38.41
CA PHE A 460 10.30 39.64 37.85
C PHE A 460 9.64 40.66 36.95
N GLY A 461 8.42 40.40 36.48
CA GLY A 461 7.81 41.37 35.58
C GLY A 461 6.41 41.84 35.96
N ALA A 462 5.93 41.41 37.11
CA ALA A 462 4.60 41.76 37.59
C ALA A 462 3.53 41.53 36.49
N HIS A 463 3.69 40.45 35.71
CA HIS A 463 2.78 40.15 34.62
C HIS A 463 1.42 39.55 34.98
N THR A 464 1.21 39.28 36.26
CA THR A 464 -0.03 38.72 36.80
C THR A 464 -0.27 37.33 36.31
N TYR A 465 -1.11 36.63 37.08
CA TYR A 465 -1.45 35.26 36.78
C TYR A 465 -2.89 34.96 37.20
N LYS A 466 -3.37 33.82 36.76
CA LYS A 466 -4.69 33.38 37.12
C LYS A 466 -4.53 32.19 38.02
N ARG A 467 -5.60 31.87 38.75
CA ARG A 467 -5.57 30.75 39.67
C ARG A 467 -6.60 29.73 39.27
N THR A 468 -6.25 28.50 39.55
CA THR A 468 -7.04 27.33 39.27
C THR A 468 -8.15 27.14 40.30
N ASP A 469 -7.93 27.69 41.50
CA ASP A 469 -8.88 27.59 42.60
C ASP A 469 -9.58 28.92 42.90
N LYS A 470 -9.46 29.91 42.02
CA LYS A 470 -10.09 31.17 42.35
C LYS A 470 -10.13 32.13 41.19
N GLU A 471 -11.30 32.71 40.98
CA GLU A 471 -11.51 33.66 39.90
C GLU A 471 -10.72 34.92 40.16
N GLY A 472 -10.44 35.67 39.11
CA GLY A 472 -9.71 36.90 39.27
C GLY A 472 -8.32 36.79 38.68
N ILE A 473 -7.69 37.94 38.54
CA ILE A 473 -6.36 38.03 38.01
C ILE A 473 -5.51 38.55 39.16
N PHE A 474 -4.44 37.85 39.49
CA PHE A 474 -3.61 38.26 40.62
C PHE A 474 -2.19 38.64 40.33
N HIS A 475 -1.61 39.30 41.32
CA HIS A 475 -0.24 39.73 41.31
C HIS A 475 0.22 39.56 42.75
N THR A 476 1.42 39.04 42.93
CA THR A 476 1.93 38.80 44.26
C THR A 476 3.26 39.46 44.56
N GLU A 477 3.41 39.94 45.80
CA GLU A 477 4.66 40.52 46.28
C GLU A 477 5.35 39.27 46.76
N TRP A 478 6.15 38.64 45.89
CA TRP A 478 6.79 37.39 46.24
C TRP A 478 7.77 37.42 47.41
N LEU A 479 8.47 38.53 47.61
CA LEU A 479 9.36 38.55 48.75
C LEU A 479 8.35 38.79 49.82
N GLU A 480 8.03 40.02 50.20
CA GLU A 480 6.97 40.02 51.18
C GLU A 480 5.78 40.92 50.95
N SER B 14 21.53 -32.72 26.20
CA SER B 14 20.22 -33.18 26.75
C SER B 14 19.26 -33.47 25.58
N LYS B 15 18.02 -33.03 25.73
CA LYS B 15 17.02 -33.25 24.70
C LYS B 15 16.42 -31.97 24.15
N GLN B 16 16.15 -31.95 22.85
CA GLN B 16 15.54 -30.79 22.20
C GLN B 16 14.02 -30.81 22.37
N GLN B 17 13.42 -29.62 22.31
CA GLN B 17 11.98 -29.46 22.43
C GLN B 17 11.29 -29.80 21.12
N ILE B 18 12.02 -29.68 20.02
CA ILE B 18 11.40 -29.98 18.72
C ILE B 18 12.41 -30.57 17.75
N GLY B 19 11.94 -31.47 16.87
CA GLY B 19 12.80 -32.07 15.86
C GLY B 19 12.29 -31.81 14.44
N VAL B 20 13.22 -31.70 13.47
CA VAL B 20 12.81 -31.50 12.08
C VAL B 20 13.31 -32.62 11.18
N VAL B 21 12.39 -33.23 10.45
CA VAL B 21 12.74 -34.32 9.54
C VAL B 21 12.63 -33.79 8.12
N GLY B 22 13.74 -33.84 7.37
CA GLY B 22 13.76 -33.39 6.01
C GLY B 22 14.64 -32.16 5.91
N MET B 23 15.88 -32.39 5.49
CA MET B 23 16.86 -31.34 5.38
C MET B 23 17.02 -30.78 3.97
N ALA B 24 15.98 -30.93 3.15
CA ALA B 24 16.01 -30.27 1.85
C ALA B 24 15.94 -28.79 2.25
N VAL B 25 15.97 -27.88 1.29
CA VAL B 25 15.94 -26.44 1.60
C VAL B 25 14.84 -25.96 2.58
N MET B 26 13.59 -26.26 2.26
CA MET B 26 12.46 -25.85 3.07
C MET B 26 12.58 -26.34 4.50
N GLY B 27 12.89 -27.63 4.68
CA GLY B 27 13.06 -28.17 6.03
C GLY B 27 14.25 -27.54 6.73
N ARG B 28 15.34 -27.41 5.99
CA ARG B 28 16.53 -26.80 6.58
C ARG B 28 16.17 -25.38 7.03
N ASN B 29 15.54 -24.62 6.14
CA ASN B 29 15.17 -23.24 6.47
C ASN B 29 14.25 -23.11 7.67
N LEU B 30 13.29 -24.03 7.79
CA LEU B 30 12.38 -24.01 8.91
C LEU B 30 13.21 -24.25 10.18
N ALA B 31 14.11 -25.22 10.14
CA ALA B 31 14.94 -25.53 11.31
C ALA B 31 15.80 -24.31 11.72
N LEU B 32 16.32 -23.61 10.72
CA LEU B 32 17.10 -22.41 10.98
C LEU B 32 16.21 -21.35 11.59
N ASN B 33 14.98 -21.26 11.08
CA ASN B 33 14.03 -20.29 11.59
C ASN B 33 13.84 -20.59 13.07
N ILE B 34 13.49 -21.83 13.37
CA ILE B 34 13.29 -22.26 14.76
C ILE B 34 14.54 -21.89 15.60
N GLU B 35 15.71 -22.31 15.15
CA GLU B 35 16.96 -22.03 15.85
C GLU B 35 17.21 -20.54 16.11
N SER B 36 16.83 -19.66 15.18
CA SER B 36 17.05 -18.21 15.35
C SER B 36 16.21 -17.59 16.46
N ARG B 37 15.15 -18.27 16.90
CA ARG B 37 14.29 -17.76 17.96
C ARG B 37 14.84 -18.26 19.31
N GLY B 38 15.96 -18.98 19.29
CA GLY B 38 16.51 -19.44 20.56
C GLY B 38 16.27 -20.90 20.91
N TYR B 39 15.57 -21.65 20.08
CA TYR B 39 15.34 -23.06 20.44
C TYR B 39 16.49 -23.93 19.93
N THR B 40 16.60 -25.11 20.48
CA THR B 40 17.63 -26.02 19.98
C THR B 40 16.80 -27.07 19.28
N VAL B 41 17.19 -27.41 18.07
CA VAL B 41 16.43 -28.37 17.30
C VAL B 41 17.23 -29.58 16.82
N SER B 42 16.61 -30.75 16.89
CA SER B 42 17.23 -31.99 16.37
C SER B 42 16.84 -31.97 14.91
N VAL B 43 17.77 -32.41 14.05
CA VAL B 43 17.51 -32.49 12.63
C VAL B 43 17.86 -33.89 12.15
N PHE B 44 17.16 -34.32 11.12
CA PHE B 44 17.36 -35.64 10.58
C PHE B 44 16.86 -35.61 9.16
N ASN B 45 17.44 -36.48 8.34
CA ASN B 45 17.05 -36.60 6.95
C ASN B 45 17.25 -38.09 6.60
N ARG B 46 16.35 -38.66 5.78
CA ARG B 46 16.45 -40.09 5.41
C ARG B 46 17.85 -40.48 5.01
N SER B 47 18.45 -39.67 4.15
CA SER B 47 19.79 -39.88 3.66
C SER B 47 20.69 -38.88 4.40
N ARG B 48 21.91 -39.32 4.74
CA ARG B 48 22.89 -38.57 5.52
C ARG B 48 23.52 -37.28 4.98
N GLU B 49 23.78 -37.24 3.68
CA GLU B 49 24.39 -36.08 3.06
C GLU B 49 23.76 -34.71 3.39
N LYS B 50 22.46 -34.55 3.18
CA LYS B 50 21.80 -33.26 3.45
C LYS B 50 21.98 -32.77 4.89
N THR B 51 21.91 -33.68 5.84
CA THR B 51 22.08 -33.33 7.24
C THR B 51 23.54 -32.90 7.47
N GLU B 52 24.50 -33.69 6.99
CA GLU B 52 25.92 -33.35 7.14
C GLU B 52 26.17 -31.98 6.51
N GLU B 53 25.57 -31.75 5.35
CA GLU B 53 25.70 -30.46 4.67
C GLU B 53 25.13 -29.31 5.50
N VAL B 54 23.95 -29.51 6.07
CA VAL B 54 23.35 -28.46 6.88
C VAL B 54 24.22 -28.13 8.09
N ILE B 55 24.70 -29.16 8.79
CA ILE B 55 25.56 -28.94 9.95
C ILE B 55 26.87 -28.27 9.54
N ALA B 56 27.45 -28.73 8.44
CA ALA B 56 28.72 -28.14 7.96
C ALA B 56 28.57 -26.63 7.75
N GLU B 57 27.58 -26.28 6.96
CA GLU B 57 27.26 -24.89 6.59
C GLU B 57 26.79 -23.94 7.70
N ASN B 58 26.32 -24.47 8.83
CA ASN B 58 25.80 -23.61 9.88
C ASN B 58 26.44 -23.85 11.25
N PRO B 59 27.78 -23.83 11.32
CA PRO B 59 28.47 -24.05 12.61
C PRO B 59 28.03 -23.02 13.64
N GLY B 60 27.92 -23.45 14.89
CA GLY B 60 27.51 -22.52 15.91
C GLY B 60 26.02 -22.51 16.18
N LYS B 61 25.21 -22.97 15.24
CA LYS B 61 23.76 -22.96 15.44
C LYS B 61 23.36 -24.09 16.38
N LYS B 62 22.18 -23.94 16.98
CA LYS B 62 21.63 -24.92 17.90
C LYS B 62 20.88 -26.02 17.17
N LEU B 63 21.58 -26.70 16.26
CA LEU B 63 21.01 -27.82 15.51
C LEU B 63 21.83 -29.03 15.90
N VAL B 64 21.14 -30.07 16.35
CA VAL B 64 21.79 -31.33 16.73
C VAL B 64 21.41 -32.38 15.69
N PRO B 65 22.37 -32.84 14.87
CA PRO B 65 22.10 -33.84 13.83
C PRO B 65 22.00 -35.27 14.36
N TYR B 66 21.16 -36.09 13.73
CA TYR B 66 21.00 -37.51 14.09
C TYR B 66 20.96 -38.27 12.77
N TYR B 67 21.48 -39.49 12.75
CA TYR B 67 21.55 -40.26 11.53
C TYR B 67 20.78 -41.55 11.52
N THR B 68 19.98 -41.75 12.57
CA THR B 68 19.09 -42.89 12.64
C THR B 68 17.80 -42.34 13.21
N VAL B 69 16.70 -42.94 12.81
CA VAL B 69 15.42 -42.46 13.28
C VAL B 69 15.29 -42.72 14.75
N GLN B 70 15.85 -43.81 15.23
CA GLN B 70 15.74 -44.11 16.64
C GLN B 70 16.36 -43.00 17.49
N GLU B 71 17.59 -42.64 17.15
CA GLU B 71 18.27 -41.63 17.93
C GLU B 71 17.56 -40.28 17.87
N PHE B 72 17.07 -39.94 16.68
CA PHE B 72 16.36 -38.68 16.46
C PHE B 72 15.12 -38.61 17.34
N VAL B 73 14.37 -39.70 17.44
CA VAL B 73 13.18 -39.68 18.28
C VAL B 73 13.54 -39.58 19.78
N GLU B 74 14.56 -40.34 20.17
CA GLU B 74 15.03 -40.38 21.53
C GLU B 74 15.55 -39.06 22.07
N SER B 75 15.95 -38.17 21.16
CA SER B 75 16.53 -36.89 21.53
C SER B 75 15.49 -35.83 21.83
N LEU B 76 14.23 -36.19 21.68
CA LEU B 76 13.16 -35.18 21.84
C LEU B 76 12.45 -35.25 23.16
N GLU B 77 12.17 -34.09 23.75
CA GLU B 77 11.44 -34.07 25.02
C GLU B 77 10.00 -34.47 24.69
N THR B 78 9.38 -35.21 25.60
CA THR B 78 8.04 -35.65 25.41
C THR B 78 6.98 -34.75 26.09
N PRO B 79 5.77 -34.68 25.51
CA PRO B 79 5.36 -35.39 24.29
C PRO B 79 6.22 -34.89 23.12
N ARG B 80 6.59 -35.78 22.20
CA ARG B 80 7.44 -35.38 21.11
C ARG B 80 6.74 -34.52 20.08
N ARG B 81 7.48 -33.52 19.60
CA ARG B 81 7.01 -32.62 18.55
C ARG B 81 7.96 -32.76 17.36
N ILE B 82 7.49 -33.49 16.34
CA ILE B 82 8.30 -33.77 15.15
C ILE B 82 7.71 -33.14 13.91
N LEU B 83 8.44 -32.19 13.36
CA LEU B 83 8.02 -31.46 12.19
C LEU B 83 8.56 -32.18 10.93
N LEU B 84 7.64 -32.65 10.08
CA LEU B 84 8.01 -33.32 8.86
C LEU B 84 8.00 -32.30 7.78
N MET B 85 9.13 -32.18 7.10
CA MET B 85 9.24 -31.25 6.02
C MET B 85 9.71 -31.98 4.74
N VAL B 86 9.30 -33.22 4.57
CA VAL B 86 9.69 -33.93 3.37
C VAL B 86 8.67 -33.61 2.29
N LYS B 87 9.09 -33.68 1.02
CA LYS B 87 8.18 -33.42 -0.12
C LYS B 87 6.90 -34.25 0.07
N ALA B 88 5.75 -33.60 0.00
CA ALA B 88 4.50 -34.32 0.18
C ALA B 88 4.38 -35.52 -0.78
N GLY B 89 3.74 -36.57 -0.33
CA GLY B 89 3.57 -37.73 -1.17
C GLY B 89 3.83 -39.00 -0.38
N ALA B 90 4.26 -40.03 -1.13
CA ALA B 90 4.55 -41.32 -0.54
C ALA B 90 5.64 -41.16 0.53
N GLY B 91 6.53 -40.18 0.31
CA GLY B 91 7.60 -39.93 1.25
C GLY B 91 7.09 -39.48 2.63
N THR B 92 5.92 -38.86 2.70
CA THR B 92 5.35 -38.44 4.00
C THR B 92 4.99 -39.72 4.77
N ASP B 93 4.25 -40.60 4.10
CA ASP B 93 3.88 -41.86 4.72
C ASP B 93 5.12 -42.70 5.10
N SER B 94 6.15 -42.72 4.24
CA SER B 94 7.32 -43.53 4.63
C SER B 94 8.01 -42.92 5.85
N ALA B 95 8.03 -41.60 5.93
CA ALA B 95 8.65 -40.96 7.09
C ALA B 95 7.83 -41.32 8.33
N ILE B 96 6.49 -41.22 8.25
CA ILE B 96 5.62 -41.57 9.38
C ILE B 96 5.80 -43.05 9.82
N ASP B 97 5.82 -43.95 8.84
CA ASP B 97 6.04 -45.37 9.10
C ASP B 97 7.41 -45.60 9.77
N SER B 98 8.39 -44.79 9.37
CA SER B 98 9.71 -44.97 9.92
C SER B 98 9.78 -44.47 11.36
N LEU B 99 8.97 -43.47 11.66
CA LEU B 99 8.98 -42.91 13.00
C LEU B 99 8.20 -43.76 14.01
N LYS B 100 7.02 -44.18 13.57
CA LYS B 100 6.10 -44.92 14.40
C LYS B 100 6.60 -45.99 15.41
N PRO B 101 7.44 -46.92 14.97
CA PRO B 101 7.92 -47.95 15.91
C PRO B 101 8.56 -47.39 17.19
N TYR B 102 9.06 -46.15 17.12
CA TYR B 102 9.75 -45.49 18.24
C TYR B 102 8.95 -44.42 19.01
N LEU B 103 7.74 -44.09 18.56
CA LEU B 103 6.96 -43.05 19.23
C LEU B 103 6.22 -43.55 20.48
N ASP B 104 5.88 -42.64 21.39
CA ASP B 104 5.09 -42.99 22.56
C ASP B 104 3.73 -42.32 22.37
N LYS B 105 2.75 -42.90 23.03
CA LYS B 105 1.39 -42.40 23.01
C LYS B 105 1.39 -40.90 23.34
N GLY B 106 0.70 -40.09 22.52
CA GLY B 106 0.65 -38.68 22.81
C GLY B 106 1.65 -37.89 22.03
N ASP B 107 2.61 -38.57 21.40
CA ASP B 107 3.62 -37.84 20.60
C ASP B 107 2.90 -37.17 19.45
N ILE B 108 3.50 -36.10 18.93
CA ILE B 108 2.87 -35.30 17.89
C ILE B 108 3.70 -35.21 16.60
N ILE B 109 3.12 -35.58 15.47
CA ILE B 109 3.81 -35.45 14.20
C ILE B 109 3.12 -34.27 13.49
N ILE B 110 3.93 -33.37 12.95
CA ILE B 110 3.43 -32.17 12.26
C ILE B 110 3.92 -32.22 10.82
N ASP B 111 3.00 -32.36 9.88
CA ASP B 111 3.37 -32.45 8.46
C ASP B 111 3.23 -31.08 7.82
N GLY B 112 4.38 -30.45 7.57
CA GLY B 112 4.40 -29.13 6.97
C GLY B 112 4.47 -29.16 5.44
N GLY B 113 4.43 -30.36 4.83
CA GLY B 113 4.49 -30.42 3.37
C GLY B 113 3.22 -29.92 2.68
N ASN B 114 3.26 -29.77 1.36
CA ASN B 114 2.08 -29.34 0.62
C ASN B 114 1.18 -30.55 0.29
N THR B 115 0.51 -31.02 1.35
CA THR B 115 -0.28 -32.20 1.33
C THR B 115 -1.77 -32.06 1.03
N PHE B 116 -2.29 -33.00 0.23
CA PHE B 116 -3.72 -32.99 -0.12
C PHE B 116 -4.48 -33.27 1.20
N PHE B 117 -5.44 -32.41 1.52
CA PHE B 117 -6.12 -32.52 2.82
C PHE B 117 -6.72 -33.87 3.19
N GLN B 118 -7.22 -34.61 2.22
CA GLN B 118 -7.80 -35.92 2.49
C GLN B 118 -6.76 -36.87 3.01
N ASP B 119 -5.53 -36.75 2.53
CA ASP B 119 -4.47 -37.62 3.04
C ASP B 119 -4.23 -37.28 4.50
N THR B 120 -4.30 -35.99 4.83
CA THR B 120 -4.10 -35.59 6.21
C THR B 120 -5.22 -36.12 7.12
N ILE B 121 -6.45 -36.12 6.62
CA ILE B 121 -7.58 -36.63 7.41
C ILE B 121 -7.35 -38.12 7.70
N ARG B 122 -6.94 -38.85 6.68
CA ARG B 122 -6.67 -40.29 6.79
C ARG B 122 -5.54 -40.56 7.79
N ARG B 123 -4.44 -39.84 7.65
CA ARG B 123 -3.31 -40.08 8.55
C ARG B 123 -3.72 -39.73 9.98
N ASN B 124 -4.39 -38.59 10.13
CA ASN B 124 -4.83 -38.13 11.44
C ASN B 124 -5.70 -39.18 12.13
N ARG B 125 -6.69 -39.67 11.40
CA ARG B 125 -7.64 -40.67 11.90
C ARG B 125 -6.90 -41.99 12.27
N GLU B 126 -6.00 -42.44 11.39
CA GLU B 126 -5.27 -43.67 11.67
C GLU B 126 -4.26 -43.51 12.81
N LEU B 127 -3.45 -42.43 12.77
CA LEU B 127 -2.47 -42.25 13.83
C LEU B 127 -3.18 -42.08 15.18
N SER B 128 -4.33 -41.43 15.17
CA SER B 128 -5.10 -41.22 16.40
C SER B 128 -5.47 -42.56 17.03
N ALA B 129 -5.97 -43.49 16.22
CA ALA B 129 -6.34 -44.82 16.72
C ALA B 129 -5.14 -45.54 17.31
N GLU B 130 -3.92 -45.10 16.99
CA GLU B 130 -2.72 -45.77 17.49
C GLU B 130 -2.12 -44.99 18.65
N GLY B 131 -2.79 -43.92 19.07
CA GLY B 131 -2.28 -43.14 20.17
C GLY B 131 -1.40 -41.94 19.85
N PHE B 132 -1.29 -41.57 18.57
CA PHE B 132 -0.44 -40.42 18.19
C PHE B 132 -1.24 -39.24 17.64
N ASN B 133 -0.75 -38.02 17.87
CA ASN B 133 -1.38 -36.81 17.37
C ASN B 133 -0.74 -36.43 16.01
N PHE B 134 -1.53 -35.76 15.19
CA PHE B 134 -1.06 -35.41 13.87
C PHE B 134 -1.62 -34.09 13.48
N ILE B 135 -0.74 -33.18 13.10
CA ILE B 135 -1.15 -31.87 12.66
C ILE B 135 -0.73 -31.67 11.20
N GLY B 136 -1.69 -31.55 10.28
CA GLY B 136 -1.31 -31.29 8.90
C GLY B 136 -1.21 -29.78 8.91
N THR B 137 -0.10 -29.19 8.47
CA THR B 137 0.01 -27.73 8.48
C THR B 137 0.51 -27.10 7.17
N GLY B 138 -0.22 -26.09 6.69
CA GLY B 138 0.23 -25.38 5.50
C GLY B 138 1.31 -24.42 5.95
N VAL B 139 2.30 -24.25 5.11
CA VAL B 139 3.38 -23.31 5.37
C VAL B 139 3.53 -22.52 4.05
N SER B 140 3.35 -21.20 4.11
CA SER B 140 3.45 -20.39 2.93
C SER B 140 4.45 -19.23 3.08
N GLY B 141 5.27 -19.04 2.06
CA GLY B 141 6.25 -17.95 2.07
C GLY B 141 7.46 -18.22 1.17
N GLY B 142 7.54 -19.41 0.59
CA GLY B 142 8.68 -19.74 -0.23
C GLY B 142 9.90 -20.04 0.63
N GLU B 143 11.07 -20.17 0.01
CA GLU B 143 12.32 -20.45 0.72
C GLU B 143 12.73 -19.41 1.76
N GLU B 144 12.70 -18.13 1.37
CA GLU B 144 13.06 -17.06 2.30
C GLU B 144 11.94 -16.89 3.35
N GLY B 145 10.69 -17.11 2.92
CA GLY B 145 9.61 -16.99 3.87
C GLY B 145 9.76 -18.02 4.98
N THR B 146 10.04 -19.27 4.58
CA THR B 146 10.17 -20.32 5.56
C THR B 146 11.32 -20.00 6.50
N LEU B 147 12.39 -19.45 5.95
CA LEU B 147 13.54 -19.08 6.75
C LEU B 147 13.26 -17.92 7.69
N LYS B 148 12.59 -16.86 7.21
CA LYS B 148 12.36 -15.66 8.02
C LYS B 148 11.00 -15.49 8.72
N GLY B 149 9.94 -16.09 8.18
CA GLY B 149 8.65 -15.91 8.79
C GLY B 149 7.53 -16.24 7.82
N PRO B 150 7.11 -17.49 7.80
CA PRO B 150 6.03 -17.83 6.87
C PRO B 150 4.68 -17.69 7.51
N SER B 151 3.63 -17.92 6.75
CA SER B 151 2.27 -17.95 7.28
C SER B 151 2.13 -19.46 7.58
N ILE B 152 1.62 -19.80 8.76
CA ILE B 152 1.48 -21.21 9.17
C ILE B 152 0.03 -21.53 9.45
N MET B 153 -0.47 -22.63 8.87
CA MET B 153 -1.88 -23.03 8.93
C MET B 153 -2.08 -24.45 9.44
N PRO B 154 -2.01 -24.64 10.76
CA PRO B 154 -2.16 -25.99 11.28
C PRO B 154 -3.56 -26.50 11.62
N GLY B 155 -3.79 -27.77 11.32
CA GLY B 155 -5.05 -28.41 11.61
C GLY B 155 -4.77 -29.77 12.26
N GLY B 156 -5.56 -30.17 13.27
CA GLY B 156 -5.35 -31.45 13.95
C GLY B 156 -5.88 -31.34 15.37
N GLN B 157 -5.37 -32.18 16.28
CA GLN B 157 -5.80 -32.12 17.69
C GLN B 157 -5.46 -30.75 18.29
N LYS B 158 -6.45 -30.07 18.84
CA LYS B 158 -6.23 -28.74 19.43
C LYS B 158 -5.23 -28.76 20.59
N GLU B 159 -5.32 -29.82 21.41
CA GLU B 159 -4.41 -29.90 22.55
C GLU B 159 -2.99 -30.11 22.05
N ALA B 160 -2.83 -30.80 20.93
CA ALA B 160 -1.50 -31.02 20.38
C ALA B 160 -0.98 -29.67 19.83
N TYR B 161 -1.85 -28.95 19.12
CA TYR B 161 -1.50 -27.65 18.59
C TYR B 161 -1.04 -26.74 19.72
N GLU B 162 -1.83 -26.71 20.81
CA GLU B 162 -1.50 -25.79 21.90
C GLU B 162 -0.10 -26.05 22.45
N LEU B 163 0.36 -27.29 22.40
CA LEU B 163 1.70 -27.59 22.92
C LEU B 163 2.80 -27.01 22.03
N VAL B 164 2.64 -27.10 20.71
CA VAL B 164 3.67 -26.57 19.81
C VAL B 164 3.44 -25.10 19.46
N ALA B 165 2.24 -24.62 19.69
CA ALA B 165 1.87 -23.22 19.41
C ALA B 165 2.90 -22.12 19.73
N PRO B 166 3.50 -22.15 20.94
CA PRO B 166 4.49 -21.13 21.28
C PRO B 166 5.64 -21.08 20.25
N ILE B 167 6.11 -22.25 19.80
CA ILE B 167 7.18 -22.27 18.82
C ILE B 167 6.69 -21.75 17.47
N LEU B 168 5.52 -22.18 17.06
CA LEU B 168 4.98 -21.74 15.77
C LEU B 168 4.79 -20.20 15.75
N LYS B 169 4.34 -19.62 16.86
CA LYS B 169 4.10 -18.19 16.93
C LYS B 169 5.40 -17.42 16.84
N GLN B 170 6.47 -18.02 17.34
CA GLN B 170 7.76 -17.37 17.31
C GLN B 170 8.42 -17.37 15.93
N ILE B 171 8.16 -18.41 15.12
CA ILE B 171 8.76 -18.48 13.82
C ILE B 171 7.89 -17.92 12.69
N ALA B 172 6.58 -17.83 12.92
CA ALA B 172 5.68 -17.26 11.91
C ALA B 172 5.98 -15.78 11.63
N ALA B 173 5.56 -15.33 10.45
CA ALA B 173 5.65 -13.93 10.06
C ALA B 173 4.70 -13.17 11.03
N VAL B 174 4.93 -11.88 11.23
CA VAL B 174 4.08 -11.07 12.12
C VAL B 174 3.45 -9.94 11.31
N ALA B 175 2.18 -9.67 11.57
CA ALA B 175 1.48 -8.60 10.87
C ALA B 175 1.87 -7.29 11.56
N GLU B 176 1.47 -6.18 10.93
CA GLU B 176 1.80 -4.87 11.49
C GLU B 176 1.18 -4.63 12.85
N ASP B 177 0.04 -5.24 13.12
CA ASP B 177 -0.58 -5.07 14.42
C ASP B 177 0.07 -5.97 15.48
N GLY B 178 1.13 -6.68 15.09
CA GLY B 178 1.88 -7.55 16.00
C GLY B 178 1.43 -9.01 16.14
N GLU B 179 0.31 -9.38 15.51
CA GLU B 179 -0.20 -10.74 15.57
C GLU B 179 0.58 -11.72 14.69
N PRO B 180 1.09 -12.82 15.25
CA PRO B 180 1.84 -13.77 14.41
C PRO B 180 0.87 -14.40 13.40
N CYS B 181 1.36 -14.76 12.22
CA CYS B 181 0.49 -15.35 11.21
C CYS B 181 0.34 -16.87 11.31
N VAL B 182 -0.25 -17.29 12.42
CA VAL B 182 -0.47 -18.70 12.64
C VAL B 182 -1.58 -18.67 13.66
N THR B 183 -2.52 -19.60 13.52
CA THR B 183 -3.61 -19.70 14.45
C THR B 183 -4.10 -21.15 14.33
N TYR B 184 -4.88 -21.62 15.30
CA TYR B 184 -5.43 -22.99 15.22
C TYR B 184 -6.55 -22.91 14.14
N ILE B 185 -6.38 -23.66 13.06
CA ILE B 185 -7.35 -23.63 11.96
C ILE B 185 -8.57 -24.53 12.23
N GLY B 186 -8.33 -25.71 12.78
CA GLY B 186 -9.42 -26.64 12.98
C GLY B 186 -8.90 -28.07 13.05
N ALA B 187 -9.81 -29.02 13.15
CA ALA B 187 -9.45 -30.42 13.29
C ALA B 187 -8.90 -31.04 12.04
N ASP B 188 -8.30 -32.20 12.23
CA ASP B 188 -7.74 -33.04 11.18
C ASP B 188 -7.15 -32.31 9.97
N GLY B 189 -7.80 -32.37 8.81
CA GLY B 189 -7.23 -31.75 7.62
C GLY B 189 -7.54 -30.28 7.31
N ALA B 190 -8.14 -29.58 8.27
CA ALA B 190 -8.51 -28.19 8.03
C ALA B 190 -7.32 -27.31 7.56
N GLY B 191 -6.17 -27.46 8.22
CA GLY B 191 -5.02 -26.66 7.87
C GLY B 191 -4.51 -26.88 6.44
N HIS B 192 -4.37 -28.14 6.03
CA HIS B 192 -3.92 -28.39 4.67
C HIS B 192 -4.99 -27.93 3.69
N TYR B 193 -6.25 -27.96 4.10
CA TYR B 193 -7.29 -27.51 3.18
C TYR B 193 -7.15 -25.96 3.00
N VAL B 194 -6.90 -25.25 4.11
CA VAL B 194 -6.74 -23.83 3.99
C VAL B 194 -5.50 -23.48 3.16
N LYS B 195 -4.40 -24.24 3.30
CA LYS B 195 -3.18 -23.99 2.51
C LYS B 195 -3.51 -24.18 1.00
N MET B 196 -4.26 -25.24 0.69
CA MET B 196 -4.68 -25.49 -0.70
C MET B 196 -5.43 -24.25 -1.23
N VAL B 197 -6.40 -23.76 -0.46
CA VAL B 197 -7.17 -22.63 -0.91
C VAL B 197 -6.28 -21.41 -1.15
N HIS B 198 -5.31 -21.16 -0.28
CA HIS B 198 -4.37 -20.04 -0.45
C HIS B 198 -3.74 -20.17 -1.84
N ASN B 199 -3.32 -21.38 -2.17
CA ASN B 199 -2.70 -21.66 -3.43
C ASN B 199 -3.68 -21.46 -4.58
N GLY B 200 -4.93 -21.89 -4.43
CA GLY B 200 -5.91 -21.61 -5.49
C GLY B 200 -6.05 -20.09 -5.68
N ILE B 201 -6.23 -19.35 -4.58
CA ILE B 201 -6.35 -17.88 -4.62
C ILE B 201 -5.14 -17.23 -5.30
N GLU B 202 -3.95 -17.75 -4.98
CA GLU B 202 -2.69 -17.29 -5.56
C GLU B 202 -2.77 -17.40 -7.08
N TYR B 203 -3.21 -18.55 -7.57
CA TYR B 203 -3.38 -18.77 -9.01
C TYR B 203 -4.31 -17.67 -9.60
N GLY B 204 -5.41 -17.38 -8.90
CA GLY B 204 -6.36 -16.39 -9.37
C GLY B 204 -5.77 -14.98 -9.44
N ASP B 205 -5.00 -14.58 -8.42
CA ASP B 205 -4.41 -13.24 -8.42
C ASP B 205 -3.41 -13.07 -9.56
N MET B 206 -2.62 -14.11 -9.79
CA MET B 206 -1.65 -14.07 -10.86
C MET B 206 -2.31 -13.97 -12.25
N GLN B 207 -3.41 -14.69 -12.46
CA GLN B 207 -4.10 -14.68 -13.74
C GLN B 207 -4.79 -13.35 -13.92
N LEU B 208 -5.34 -12.80 -12.83
CA LEU B 208 -6.02 -11.48 -12.89
C LEU B 208 -4.94 -10.49 -13.33
N ILE B 209 -3.78 -10.56 -12.69
CA ILE B 209 -2.69 -9.67 -13.02
C ILE B 209 -2.22 -9.84 -14.45
N ALA B 210 -2.15 -11.09 -14.90
CA ALA B 210 -1.71 -11.40 -16.27
C ALA B 210 -2.68 -10.76 -17.27
N GLU B 211 -3.97 -10.77 -16.94
CA GLU B 211 -4.96 -10.17 -17.82
C GLU B 211 -4.83 -8.65 -17.83
N ALA B 212 -4.69 -8.01 -16.68
CA ALA B 212 -4.53 -6.57 -16.72
C ALA B 212 -3.27 -6.24 -17.58
N TYR B 213 -2.25 -7.07 -17.49
CA TYR B 213 -1.06 -6.81 -18.28
C TYR B 213 -1.37 -6.93 -19.79
N ALA B 214 -2.06 -8.01 -20.19
CA ALA B 214 -2.36 -8.19 -21.60
C ALA B 214 -3.29 -7.10 -22.07
N LEU B 215 -4.09 -6.52 -21.18
CA LEU B 215 -4.99 -5.46 -21.62
C LEU B 215 -4.23 -4.14 -21.84
N LEU B 216 -3.34 -3.81 -20.93
CA LEU B 216 -2.55 -2.59 -21.03
C LEU B 216 -1.61 -2.68 -22.24
N LYS B 217 -0.94 -3.82 -22.39
CA LYS B 217 -0.05 -4.02 -23.50
C LYS B 217 -0.86 -4.05 -24.80
N GLY B 218 -1.86 -4.91 -24.88
CA GLY B 218 -2.62 -4.99 -26.10
C GLY B 218 -3.53 -3.82 -26.43
N GLY B 219 -3.98 -3.09 -25.42
CA GLY B 219 -4.88 -1.98 -25.67
C GLY B 219 -4.23 -0.61 -25.76
N LEU B 220 -3.05 -0.45 -25.15
CA LEU B 220 -2.36 0.84 -25.18
C LEU B 220 -0.90 0.66 -25.57
N ALA B 221 -0.52 -0.55 -25.90
CA ALA B 221 0.85 -0.85 -26.26
C ALA B 221 1.84 -0.18 -25.31
N LEU B 222 1.53 -0.18 -24.02
CA LEU B 222 2.48 0.37 -23.05
C LEU B 222 3.79 -0.39 -23.13
N SER B 223 4.88 0.30 -22.85
CA SER B 223 6.19 -0.32 -22.85
C SER B 223 6.36 -0.93 -21.47
N ASN B 224 7.42 -1.70 -21.29
CA ASN B 224 7.62 -2.31 -20.00
C ASN B 224 7.88 -1.26 -18.93
N GLU B 225 8.43 -0.11 -19.33
CA GLU B 225 8.71 0.94 -18.35
C GLU B 225 7.37 1.54 -17.90
N GLU B 226 6.48 1.79 -18.87
CA GLU B 226 5.16 2.28 -18.55
C GLU B 226 4.39 1.23 -17.71
N LEU B 227 4.65 -0.05 -17.94
CA LEU B 227 4.00 -1.12 -17.18
C LEU B 227 4.47 -1.03 -15.73
N ALA B 228 5.77 -1.01 -15.51
CA ALA B 228 6.31 -0.94 -14.15
C ALA B 228 5.87 0.32 -13.39
N GLN B 229 5.72 1.44 -14.12
CA GLN B 229 5.27 2.70 -13.54
C GLN B 229 3.81 2.52 -13.11
N THR B 230 3.02 1.90 -13.99
CA THR B 230 1.60 1.65 -13.71
C THR B 230 1.44 0.79 -12.45
N PHE B 231 2.13 -0.33 -12.38
CA PHE B 231 2.02 -1.23 -11.23
C PHE B 231 2.51 -0.61 -9.95
N THR B 232 3.52 0.26 -10.06
CA THR B 232 4.03 0.94 -8.87
C THR B 232 2.91 1.80 -8.31
N GLU B 233 2.29 2.55 -9.21
CA GLU B 233 1.20 3.42 -8.82
C GLU B 233 0.07 2.59 -8.20
N TRP B 234 -0.34 1.52 -8.88
CA TRP B 234 -1.42 0.67 -8.36
C TRP B 234 -1.07 0.15 -6.97
N ASN B 235 0.20 -0.23 -6.81
CA ASN B 235 0.68 -0.75 -5.55
C ASN B 235 0.59 0.29 -4.42
N GLU B 236 0.40 1.59 -4.76
CA GLU B 236 0.33 2.61 -3.69
C GLU B 236 -1.08 2.70 -3.11
N GLY B 237 -2.04 2.13 -3.83
CA GLY B 237 -3.41 2.18 -3.35
C GLY B 237 -4.00 0.87 -2.80
N GLU B 238 -5.28 0.69 -3.03
CA GLU B 238 -5.96 -0.46 -2.51
C GLU B 238 -5.44 -1.82 -3.04
N LEU B 239 -4.72 -1.83 -4.16
CA LEU B 239 -4.19 -3.10 -4.70
C LEU B 239 -2.88 -3.50 -4.03
N SER B 240 -2.31 -2.59 -3.22
CA SER B 240 -1.05 -2.85 -2.51
C SER B 240 -0.95 -4.35 -2.15
N SER B 241 0.09 -5.02 -2.64
CA SER B 241 0.28 -6.44 -2.36
C SER B 241 1.65 -6.91 -2.83
N TYR B 242 2.12 -7.99 -2.19
CA TYR B 242 3.38 -8.58 -2.58
C TYR B 242 3.38 -8.89 -4.07
N LEU B 243 2.36 -9.57 -4.57
CA LEU B 243 2.35 -9.90 -6.00
C LEU B 243 2.44 -8.68 -6.95
N ILE B 244 1.67 -7.63 -6.66
CA ILE B 244 1.72 -6.40 -7.48
C ILE B 244 3.16 -5.82 -7.39
N ASP B 245 3.75 -5.87 -6.21
CA ASP B 245 5.11 -5.34 -5.98
C ASP B 245 6.23 -6.11 -6.76
N ILE B 246 6.18 -7.45 -6.80
CA ILE B 246 7.23 -8.16 -7.54
C ILE B 246 6.96 -8.05 -9.04
N THR B 247 5.74 -7.70 -9.42
CA THR B 247 5.38 -7.54 -10.83
C THR B 247 5.97 -6.24 -11.36
N LYS B 248 5.92 -5.19 -10.54
CA LYS B 248 6.48 -3.90 -10.88
C LYS B 248 7.98 -4.15 -11.09
N ASP B 249 8.58 -4.96 -10.23
CA ASP B 249 9.98 -5.26 -10.38
C ASP B 249 10.26 -6.06 -11.64
N ILE B 250 9.41 -7.06 -11.91
CA ILE B 250 9.62 -7.93 -13.07
C ILE B 250 9.77 -7.11 -14.35
N PHE B 251 8.89 -6.12 -14.53
CA PHE B 251 8.91 -5.30 -15.72
C PHE B 251 10.14 -4.35 -15.90
N THR B 252 11.05 -4.31 -14.92
CA THR B 252 12.25 -3.44 -15.04
C THR B 252 13.53 -4.27 -15.06
N LYS B 253 13.39 -5.59 -15.05
CA LYS B 253 14.55 -6.46 -15.05
C LYS B 253 15.08 -6.75 -16.44
N LYS B 254 16.34 -6.37 -16.68
CA LYS B 254 16.98 -6.62 -17.96
C LYS B 254 18.05 -7.69 -17.85
N ASP B 255 18.32 -8.30 -19.00
CA ASP B 255 19.30 -9.38 -19.18
C ASP B 255 20.71 -8.77 -19.29
N GLU B 256 21.73 -9.58 -19.08
CA GLU B 256 23.11 -9.08 -19.19
C GLU B 256 23.33 -8.50 -20.59
N GLU B 257 22.34 -8.67 -21.47
CA GLU B 257 22.39 -8.20 -22.84
C GLU B 257 21.55 -6.94 -23.04
N GLY B 258 20.75 -6.60 -22.04
CA GLY B 258 19.90 -5.42 -22.16
C GLY B 258 18.53 -5.79 -22.64
N LYS B 259 18.27 -7.08 -22.74
CA LYS B 259 16.95 -7.56 -23.14
C LYS B 259 16.07 -7.63 -21.87
N TYR B 260 14.82 -7.19 -21.98
CA TYR B 260 13.89 -7.28 -20.85
C TYR B 260 13.60 -8.76 -20.74
N LEU B 261 13.84 -9.32 -19.56
CA LEU B 261 13.64 -10.74 -19.29
C LEU B 261 12.19 -11.19 -19.48
N VAL B 262 11.26 -10.35 -19.06
CA VAL B 262 9.87 -10.67 -19.18
C VAL B 262 9.52 -10.97 -20.64
N ASP B 263 10.16 -10.26 -21.54
CA ASP B 263 9.88 -10.45 -22.96
C ASP B 263 10.47 -11.71 -23.61
N VAL B 264 11.36 -12.41 -22.94
CA VAL B 264 11.95 -13.58 -23.55
C VAL B 264 11.64 -14.88 -22.77
N ILE B 265 10.85 -14.74 -21.70
CA ILE B 265 10.46 -15.90 -20.91
C ILE B 265 9.34 -16.61 -21.65
N LEU B 266 9.49 -17.92 -21.80
CA LEU B 266 8.51 -18.73 -22.49
C LEU B 266 7.19 -18.71 -21.75
N ASP B 267 6.14 -18.32 -22.48
CA ASP B 267 4.78 -18.26 -21.93
C ASP B 267 4.13 -19.68 -21.75
N GLU B 268 4.74 -20.52 -20.93
CA GLU B 268 4.25 -21.86 -20.63
C GLU B 268 4.17 -21.91 -19.11
N ALA B 269 3.01 -21.62 -18.55
CA ALA B 269 2.87 -21.61 -17.11
C ALA B 269 2.83 -22.99 -16.56
N ALA B 270 3.77 -23.31 -15.68
CA ALA B 270 3.82 -24.63 -15.06
C ALA B 270 2.89 -24.62 -13.83
N ASN B 271 2.73 -25.77 -13.18
CA ASN B 271 1.89 -25.81 -11.98
C ASN B 271 2.25 -27.06 -11.15
N LYS B 272 1.85 -27.07 -9.88
CA LYS B 272 2.15 -28.21 -8.99
C LYS B 272 0.95 -28.75 -8.19
N GLY B 273 -0.12 -29.10 -8.90
CA GLY B 273 -1.28 -29.69 -8.26
C GLY B 273 -2.31 -28.93 -7.45
N THR B 274 -1.93 -28.11 -6.49
CA THR B 274 -2.94 -27.46 -5.65
C THR B 274 -3.84 -26.35 -6.23
N GLY B 275 -3.51 -25.90 -7.43
CA GLY B 275 -4.34 -24.91 -8.08
C GLY B 275 -5.44 -25.84 -8.51
N LYS B 276 -4.99 -26.99 -9.01
CA LYS B 276 -5.89 -28.05 -9.45
C LYS B 276 -6.80 -28.54 -8.34
N TRP B 277 -6.21 -28.80 -7.17
CA TRP B 277 -6.96 -29.33 -6.03
C TRP B 277 -8.13 -28.41 -5.57
N THR B 278 -7.85 -27.15 -5.43
CA THR B 278 -8.89 -26.23 -5.01
C THR B 278 -10.07 -26.31 -5.98
N SER B 279 -9.80 -26.37 -7.27
CA SER B 279 -10.87 -26.45 -8.27
C SER B 279 -11.59 -27.82 -8.18
N GLN B 280 -10.84 -28.90 -7.99
CA GLN B 280 -11.49 -30.18 -7.87
C GLN B 280 -12.39 -30.19 -6.65
N SER B 281 -11.95 -29.54 -5.57
CA SER B 281 -12.75 -29.49 -4.35
C SER B 281 -14.05 -28.67 -4.56
N SER B 282 -13.98 -27.58 -5.30
CA SER B 282 -15.18 -26.77 -5.54
C SER B 282 -16.21 -27.63 -6.26
N LEU B 283 -15.71 -28.50 -7.14
CA LEU B 283 -16.59 -29.37 -7.91
C LEU B 283 -17.24 -30.43 -7.01
N ASP B 284 -16.49 -30.93 -6.03
CA ASP B 284 -17.00 -31.89 -5.09
C ASP B 284 -17.97 -31.23 -4.12
N LEU B 285 -17.80 -29.94 -3.89
CA LEU B 285 -18.62 -29.25 -2.91
C LEU B 285 -19.79 -28.45 -3.44
N GLY B 286 -19.92 -28.37 -4.77
CA GLY B 286 -21.00 -27.62 -5.37
C GLY B 286 -20.78 -26.12 -5.30
N GLU B 287 -19.53 -25.68 -5.32
CA GLU B 287 -19.26 -24.27 -5.24
C GLU B 287 -18.86 -23.76 -6.61
N PRO B 288 -19.42 -22.61 -7.03
CA PRO B 288 -19.11 -22.03 -8.35
C PRO B 288 -17.80 -21.23 -8.33
N LEU B 289 -16.67 -21.95 -8.24
CA LEU B 289 -15.33 -21.33 -8.12
C LEU B 289 -14.74 -21.10 -9.49
N SER B 290 -15.47 -20.30 -10.28
CA SER B 290 -15.08 -20.07 -11.68
C SER B 290 -13.78 -19.32 -11.94
N LEU B 291 -13.50 -18.30 -11.16
CA LEU B 291 -12.32 -17.51 -11.40
C LEU B 291 -10.99 -18.27 -11.19
N ILE B 292 -10.77 -18.81 -9.99
CA ILE B 292 -9.57 -19.61 -9.75
C ILE B 292 -9.51 -20.81 -10.76
N THR B 293 -10.65 -21.36 -11.10
CA THR B 293 -10.65 -22.50 -12.00
C THR B 293 -10.22 -22.08 -13.41
N GLU B 294 -10.74 -20.94 -13.88
CA GLU B 294 -10.34 -20.42 -15.21
C GLU B 294 -8.82 -20.12 -15.13
N SER B 295 -8.36 -19.70 -13.97
CA SER B 295 -6.92 -19.43 -13.80
C SER B 295 -6.15 -20.72 -14.06
N VAL B 296 -6.63 -21.82 -13.49
CA VAL B 296 -5.97 -23.07 -13.72
C VAL B 296 -6.01 -23.40 -15.23
N PHE B 297 -7.20 -23.29 -15.83
CA PHE B 297 -7.32 -23.58 -17.25
C PHE B 297 -6.39 -22.68 -18.08
N ALA B 298 -6.25 -21.41 -17.69
CA ALA B 298 -5.35 -20.50 -18.43
C ALA B 298 -3.91 -21.05 -18.41
N ARG B 299 -3.46 -21.59 -17.28
CA ARG B 299 -2.13 -22.14 -17.29
C ARG B 299 -2.14 -23.36 -18.21
N TYR B 300 -3.23 -24.16 -18.17
CA TYR B 300 -3.27 -25.34 -19.04
C TYR B 300 -3.13 -24.95 -20.55
N ILE B 301 -3.88 -23.97 -21.01
CA ILE B 301 -3.78 -23.65 -22.40
C ILE B 301 -2.43 -22.96 -22.69
N SER B 302 -1.80 -22.37 -21.68
CA SER B 302 -0.54 -21.74 -21.96
C SER B 302 0.46 -22.84 -22.22
N SER B 303 0.25 -23.98 -21.56
CA SER B 303 1.11 -25.13 -21.70
C SER B 303 0.98 -25.86 -23.02
N LEU B 304 -0.01 -25.48 -23.84
CA LEU B 304 -0.22 -26.08 -25.17
C LEU B 304 0.40 -25.12 -26.19
N LYS B 305 1.64 -24.68 -25.91
CA LYS B 305 2.35 -23.70 -26.74
C LYS B 305 2.46 -24.04 -28.22
N ASP B 306 2.84 -25.27 -28.55
CA ASP B 306 2.91 -25.65 -29.96
C ASP B 306 1.52 -25.61 -30.65
N GLN B 307 0.50 -26.13 -29.99
CA GLN B 307 -0.83 -26.10 -30.59
C GLN B 307 -1.22 -24.64 -30.85
N ARG B 308 -0.91 -23.76 -29.88
CA ARG B 308 -1.28 -22.35 -30.07
C ARG B 308 -0.47 -21.68 -31.21
N VAL B 309 0.83 -21.94 -31.27
CA VAL B 309 1.61 -21.33 -32.35
C VAL B 309 1.06 -21.86 -33.67
N ALA B 310 0.72 -23.15 -33.74
CA ALA B 310 0.13 -23.72 -34.97
C ALA B 310 -1.21 -23.04 -35.29
N ALA B 311 -2.07 -22.87 -34.28
CA ALA B 311 -3.39 -22.24 -34.50
C ALA B 311 -3.34 -20.76 -34.88
N SER B 312 -2.37 -20.00 -34.37
CA SER B 312 -2.31 -18.58 -34.70
C SER B 312 -2.09 -18.38 -36.20
N LYS B 313 -1.53 -19.40 -36.85
CA LYS B 313 -1.27 -19.36 -38.27
C LYS B 313 -2.50 -19.70 -39.06
N VAL B 314 -3.49 -20.30 -38.39
CA VAL B 314 -4.66 -20.76 -39.11
C VAL B 314 -5.98 -20.09 -38.77
N LEU B 315 -6.23 -19.85 -37.48
CA LEU B 315 -7.50 -19.24 -37.11
C LEU B 315 -7.47 -17.74 -37.25
N SER B 316 -8.56 -17.18 -37.71
CA SER B 316 -8.63 -15.75 -37.88
C SER B 316 -9.16 -15.09 -36.60
N GLY B 317 -9.05 -13.77 -36.57
CA GLY B 317 -9.56 -13.01 -35.45
C GLY B 317 -9.48 -11.54 -35.77
N PRO B 318 -9.99 -10.68 -34.90
CA PRO B 318 -9.88 -9.26 -35.29
C PRO B 318 -8.56 -8.60 -34.88
N GLN B 319 -8.21 -7.50 -35.55
CA GLN B 319 -6.98 -6.76 -35.17
C GLN B 319 -7.41 -5.89 -34.00
N ALA B 320 -6.68 -5.91 -32.90
CA ALA B 320 -7.05 -5.07 -31.76
C ALA B 320 -6.84 -3.59 -32.07
N GLN B 321 -7.82 -2.76 -31.72
CA GLN B 321 -7.71 -1.33 -31.96
C GLN B 321 -7.40 -0.62 -30.66
N PRO B 322 -6.73 0.55 -30.72
CA PRO B 322 -6.36 1.34 -29.55
C PRO B 322 -7.52 1.51 -28.56
N ALA B 323 -7.23 1.32 -27.28
CA ALA B 323 -8.25 1.41 -26.24
C ALA B 323 -8.70 2.84 -25.96
N GLY B 324 -7.97 3.81 -26.49
CA GLY B 324 -8.37 5.20 -26.28
C GLY B 324 -7.44 5.91 -25.34
N ASP B 325 -7.98 6.83 -24.54
CA ASP B 325 -7.18 7.58 -23.58
C ASP B 325 -6.49 6.69 -22.55
N LYS B 326 -5.16 6.74 -22.58
CA LYS B 326 -4.32 5.95 -21.72
C LYS B 326 -4.74 5.97 -20.25
N ALA B 327 -4.78 7.18 -19.67
CA ALA B 327 -5.11 7.32 -18.27
C ALA B 327 -6.47 6.74 -17.91
N GLU B 328 -7.47 6.98 -18.74
CA GLU B 328 -8.78 6.48 -18.48
C GLU B 328 -8.84 4.95 -18.56
N PHE B 329 -8.23 4.40 -19.61
CA PHE B 329 -8.26 2.97 -19.79
C PHE B 329 -7.52 2.29 -18.63
N ILE B 330 -6.36 2.85 -18.26
CA ILE B 330 -5.56 2.32 -17.18
C ILE B 330 -6.36 2.20 -15.89
N GLU B 331 -7.11 3.25 -15.53
CA GLU B 331 -7.92 3.22 -14.32
C GLU B 331 -9.03 2.15 -14.39
N LYS B 332 -9.68 2.03 -15.56
CA LYS B 332 -10.71 1.02 -15.74
C LYS B 332 -10.13 -0.38 -15.54
N VAL B 333 -8.92 -0.63 -16.05
CA VAL B 333 -8.26 -1.92 -15.85
C VAL B 333 -7.90 -2.13 -14.37
N ARG B 334 -7.42 -1.08 -13.71
CA ARG B 334 -7.07 -1.14 -12.29
C ARG B 334 -8.35 -1.54 -11.53
N ARG B 335 -9.46 -0.89 -11.88
CA ARG B 335 -10.74 -1.14 -11.22
C ARG B 335 -11.27 -2.53 -11.52
N ALA B 336 -11.12 -2.95 -12.78
CA ALA B 336 -11.54 -4.29 -13.18
C ALA B 336 -10.72 -5.33 -12.38
N LEU B 337 -9.41 -5.11 -12.28
CA LEU B 337 -8.57 -6.04 -11.55
C LEU B 337 -8.92 -6.14 -10.05
N TYR B 338 -9.17 -5.01 -9.39
CA TYR B 338 -9.52 -5.03 -7.98
C TYR B 338 -10.88 -5.74 -7.76
N LEU B 339 -11.85 -5.42 -8.61
CA LEU B 339 -13.14 -6.04 -8.52
C LEU B 339 -13.03 -7.56 -8.84
N GLY B 340 -12.08 -7.92 -9.68
CA GLY B 340 -11.86 -9.31 -10.04
C GLY B 340 -11.39 -10.06 -8.80
N LYS B 341 -10.45 -9.49 -8.07
CA LYS B 341 -9.95 -10.09 -6.83
C LYS B 341 -11.11 -10.22 -5.85
N ILE B 342 -11.86 -9.14 -5.71
CA ILE B 342 -12.97 -9.20 -4.78
C ILE B 342 -13.83 -10.45 -5.13
N VAL B 343 -14.14 -10.62 -6.39
CA VAL B 343 -14.94 -11.76 -6.79
C VAL B 343 -14.22 -13.09 -6.53
N SER B 344 -12.93 -13.13 -6.83
CA SER B 344 -12.22 -14.38 -6.62
C SER B 344 -12.20 -14.81 -5.16
N TYR B 345 -11.92 -13.84 -4.27
CA TYR B 345 -11.86 -14.12 -2.85
C TYR B 345 -13.25 -14.44 -2.30
N ALA B 346 -14.27 -13.84 -2.91
CA ALA B 346 -15.63 -14.07 -2.47
C ALA B 346 -15.93 -15.54 -2.75
N GLN B 347 -15.52 -15.98 -3.92
CA GLN B 347 -15.72 -17.35 -4.30
C GLN B 347 -14.87 -18.26 -3.40
N GLY B 348 -13.62 -17.89 -3.18
CA GLY B 348 -12.76 -18.71 -2.36
C GLY B 348 -13.25 -18.85 -0.93
N PHE B 349 -13.69 -17.75 -0.35
CA PHE B 349 -14.16 -17.81 1.03
C PHE B 349 -15.48 -18.53 1.16
N SER B 350 -16.31 -18.45 0.14
CA SER B 350 -17.60 -19.18 0.18
C SER B 350 -17.23 -20.66 0.12
N GLN B 351 -16.16 -21.00 -0.60
CA GLN B 351 -15.78 -22.42 -0.67
C GLN B 351 -15.25 -22.86 0.68
N LEU B 352 -14.56 -21.97 1.40
CA LEU B 352 -14.09 -22.33 2.72
C LEU B 352 -15.25 -22.65 3.62
N ARG B 353 -16.38 -21.95 3.48
CA ARG B 353 -17.54 -22.23 4.33
C ARG B 353 -18.14 -23.59 3.92
N ALA B 354 -18.20 -23.86 2.61
CA ALA B 354 -18.74 -25.13 2.16
C ALA B 354 -17.89 -26.25 2.69
N ALA B 355 -16.57 -26.07 2.65
CA ALA B 355 -15.67 -27.08 3.14
C ALA B 355 -15.86 -27.28 4.65
N SER B 356 -15.88 -26.16 5.38
CA SER B 356 -16.02 -26.14 6.84
C SER B 356 -17.26 -26.95 7.21
N ASP B 357 -18.35 -26.70 6.48
CA ASP B 357 -19.58 -27.43 6.76
C ASP B 357 -19.46 -28.89 6.44
N GLU B 358 -18.90 -29.20 5.28
CA GLU B 358 -18.76 -30.59 4.86
C GLU B 358 -17.86 -31.44 5.76
N TYR B 359 -16.71 -30.88 6.16
CA TYR B 359 -15.75 -31.63 6.98
C TYR B 359 -15.80 -31.32 8.48
N ASN B 360 -16.83 -30.56 8.89
CA ASN B 360 -17.04 -30.20 10.29
C ASN B 360 -15.81 -29.53 10.92
N TRP B 361 -15.40 -28.39 10.38
CA TRP B 361 -14.22 -27.71 10.95
C TRP B 361 -14.51 -26.45 11.70
N ASP B 362 -15.72 -25.93 11.54
CA ASP B 362 -16.08 -24.68 12.18
C ASP B 362 -15.01 -23.63 11.95
N LEU B 363 -14.64 -23.43 10.70
CA LEU B 363 -13.60 -22.45 10.39
C LEU B 363 -13.89 -21.02 10.85
N ASN B 364 -12.85 -20.30 11.22
CA ASN B 364 -13.00 -18.90 11.63
C ASN B 364 -12.42 -18.14 10.46
N TYR B 365 -13.26 -17.77 9.51
CA TYR B 365 -12.78 -17.09 8.29
C TYR B 365 -11.99 -15.83 8.58
N GLY B 366 -12.43 -15.08 9.58
CA GLY B 366 -11.73 -13.84 9.88
C GLY B 366 -10.28 -14.10 10.25
N GLU B 367 -10.09 -15.12 11.05
CA GLU B 367 -8.74 -15.46 11.48
C GLU B 367 -7.93 -15.98 10.30
N ILE B 368 -8.53 -16.80 9.44
CA ILE B 368 -7.79 -17.29 8.28
C ILE B 368 -7.29 -16.08 7.47
N ALA B 369 -8.16 -15.10 7.27
CA ALA B 369 -7.80 -13.88 6.54
C ALA B 369 -6.65 -13.17 7.28
N LYS B 370 -6.77 -13.05 8.61
CA LYS B 370 -5.73 -12.41 9.40
C LYS B 370 -4.35 -12.98 9.15
N ILE B 371 -4.25 -14.32 9.14
CA ILE B 371 -2.93 -14.93 8.98
C ILE B 371 -2.42 -14.86 7.53
N PHE B 372 -3.29 -14.43 6.61
CA PHE B 372 -2.85 -14.26 5.22
C PHE B 372 -2.35 -12.83 5.03
N ARG B 373 -2.41 -12.00 6.06
CA ARG B 373 -1.98 -10.60 5.92
C ARG B 373 -0.45 -10.43 5.70
N ALA B 374 0.36 -11.37 6.16
CA ALA B 374 1.79 -11.31 5.96
C ALA B 374 2.26 -12.73 5.80
N GLY B 375 3.55 -12.86 5.47
CA GLY B 375 4.18 -14.17 5.31
C GLY B 375 3.88 -14.90 4.01
N CYS B 376 2.61 -15.18 3.77
CA CYS B 376 2.21 -15.92 2.56
C CYS B 376 2.39 -15.14 1.25
N ILE B 377 2.28 -15.86 0.14
CA ILE B 377 2.44 -15.22 -1.17
C ILE B 377 1.33 -14.22 -1.51
N ILE B 378 0.08 -14.48 -1.12
CA ILE B 378 -1.00 -13.56 -1.48
C ILE B 378 -1.10 -12.39 -0.50
N ARG B 379 -0.10 -12.25 0.38
CA ARG B 379 -0.16 -11.14 1.37
C ARG B 379 -0.49 -9.77 0.74
N ALA B 380 -1.37 -9.03 1.40
CA ALA B 380 -1.80 -7.75 0.89
C ALA B 380 -2.70 -7.10 1.91
N GLN B 381 -2.80 -5.78 1.87
CA GLN B 381 -3.66 -5.03 2.79
C GLN B 381 -5.12 -5.47 2.63
N PHE B 382 -5.43 -5.89 1.42
CA PHE B 382 -6.72 -6.39 1.01
C PHE B 382 -7.26 -7.42 2.04
N LEU B 383 -6.38 -8.30 2.50
CA LEU B 383 -6.77 -9.31 3.45
C LEU B 383 -7.39 -8.69 4.72
N GLN B 384 -7.01 -7.46 5.07
CA GLN B 384 -7.62 -6.81 6.25
C GLN B 384 -9.11 -6.50 6.01
N LYS B 385 -9.45 -6.15 4.78
CA LYS B 385 -10.86 -5.85 4.41
C LYS B 385 -11.72 -7.10 4.59
N ILE B 386 -11.15 -8.26 4.25
CA ILE B 386 -11.87 -9.49 4.45
C ILE B 386 -12.00 -9.72 5.97
N THR B 387 -10.93 -9.50 6.70
CA THR B 387 -11.01 -9.68 8.17
C THR B 387 -12.10 -8.75 8.76
N ASP B 388 -12.12 -7.48 8.32
CA ASP B 388 -13.14 -6.50 8.78
C ASP B 388 -14.54 -7.01 8.44
N ALA B 389 -14.73 -7.56 7.25
CA ALA B 389 -16.06 -8.02 6.89
C ALA B 389 -16.59 -9.13 7.81
N TYR B 390 -15.72 -10.09 8.17
CA TYR B 390 -16.14 -11.16 9.06
C TYR B 390 -16.24 -10.65 10.51
N ALA B 391 -15.38 -9.71 10.89
CA ALA B 391 -15.46 -9.15 12.24
C ALA B 391 -16.81 -8.46 12.45
N GLN B 392 -17.34 -7.82 11.40
CA GLN B 392 -18.64 -7.18 11.53
C GLN B 392 -19.81 -8.13 11.32
N ASN B 393 -19.60 -9.23 10.60
CA ASN B 393 -20.65 -10.21 10.34
C ASN B 393 -20.06 -11.59 10.04
N ALA B 394 -19.79 -12.34 11.10
CA ALA B 394 -19.21 -13.67 11.02
C ALA B 394 -20.00 -14.65 10.16
N GLY B 395 -21.33 -14.52 10.17
CA GLY B 395 -22.18 -15.43 9.42
C GLY B 395 -22.42 -15.03 7.97
N ILE B 396 -21.89 -13.88 7.57
CA ILE B 396 -22.09 -13.42 6.21
C ILE B 396 -21.91 -14.57 5.18
N ALA B 397 -22.88 -14.73 4.30
CA ALA B 397 -22.86 -15.79 3.30
C ALA B 397 -21.91 -15.56 2.14
N ASN B 398 -21.58 -14.30 1.86
CA ASN B 398 -20.70 -14.00 0.74
C ASN B 398 -20.11 -12.59 0.88
N LEU B 399 -18.79 -12.47 0.70
CA LEU B 399 -18.09 -11.20 0.82
C LEU B 399 -18.67 -10.07 -0.04
N LEU B 400 -19.27 -10.39 -1.17
CA LEU B 400 -19.85 -9.27 -1.96
C LEU B 400 -20.97 -8.54 -1.19
N LEU B 401 -21.54 -9.18 -0.19
CA LEU B 401 -22.62 -8.54 0.58
C LEU B 401 -22.12 -7.57 1.65
N ALA B 402 -20.83 -7.66 1.99
CA ALA B 402 -20.30 -6.78 3.01
C ALA B 402 -20.26 -5.35 2.46
N PRO B 403 -20.61 -4.36 3.30
CA PRO B 403 -20.64 -2.94 2.97
C PRO B 403 -19.46 -2.46 2.12
N TYR B 404 -18.25 -2.74 2.57
CA TYR B 404 -17.09 -2.28 1.84
C TYR B 404 -17.04 -2.84 0.41
N PHE B 405 -17.26 -4.16 0.30
CA PHE B 405 -17.16 -4.88 -0.96
C PHE B 405 -18.35 -4.57 -1.86
N LYS B 406 -19.50 -4.35 -1.26
CA LYS B 406 -20.67 -4.03 -2.04
C LYS B 406 -20.46 -2.65 -2.69
N GLN B 407 -19.86 -1.71 -1.94
CA GLN B 407 -19.63 -0.37 -2.45
C GLN B 407 -18.62 -0.37 -3.59
N ILE B 408 -17.55 -1.16 -3.48
CA ILE B 408 -16.58 -1.26 -4.56
C ILE B 408 -17.24 -1.80 -5.84
N ALA B 409 -18.14 -2.78 -5.68
CA ALA B 409 -18.80 -3.36 -6.84
C ALA B 409 -19.73 -2.31 -7.48
N ASP B 410 -20.43 -1.55 -6.63
CA ASP B 410 -21.32 -0.48 -7.07
C ASP B 410 -20.52 0.46 -7.94
N ASP B 411 -19.37 0.91 -7.46
CA ASP B 411 -18.61 1.88 -8.25
C ASP B 411 -17.68 1.37 -9.34
N TYR B 412 -17.21 0.13 -9.24
CA TYR B 412 -16.24 -0.40 -10.21
C TYR B 412 -16.79 -1.36 -11.25
N GLN B 413 -18.00 -1.85 -11.10
CA GLN B 413 -18.47 -2.81 -12.08
C GLN B 413 -18.51 -2.29 -13.49
N GLN B 414 -18.84 -1.00 -13.67
CA GLN B 414 -18.92 -0.48 -15.02
C GLN B 414 -17.57 -0.51 -15.70
N ALA B 415 -16.50 -0.30 -14.95
CA ALA B 415 -15.16 -0.34 -15.56
C ALA B 415 -14.90 -1.81 -15.94
N LEU B 416 -15.32 -2.75 -15.10
CA LEU B 416 -15.12 -4.17 -15.41
C LEU B 416 -15.91 -4.49 -16.69
N ARG B 417 -17.17 -4.07 -16.75
CA ARG B 417 -17.96 -4.35 -17.95
C ARG B 417 -17.34 -3.76 -19.20
N ASP B 418 -16.84 -2.54 -19.08
CA ASP B 418 -16.21 -1.86 -20.23
C ASP B 418 -14.94 -2.55 -20.69
N VAL B 419 -14.12 -2.99 -19.74
CA VAL B 419 -12.86 -3.63 -20.07
C VAL B 419 -13.15 -4.99 -20.72
N VAL B 420 -14.12 -5.74 -20.20
CA VAL B 420 -14.43 -7.04 -20.79
C VAL B 420 -15.00 -6.83 -22.19
N ALA B 421 -15.93 -5.88 -22.35
CA ALA B 421 -16.52 -5.65 -23.69
C ALA B 421 -15.44 -5.26 -24.67
N TYR B 422 -14.51 -4.40 -24.24
CA TYR B 422 -13.41 -4.01 -25.12
C TYR B 422 -12.51 -5.20 -25.55
N ALA B 423 -12.12 -6.01 -24.58
CA ALA B 423 -11.24 -7.18 -24.81
C ALA B 423 -11.83 -8.17 -25.80
N VAL B 424 -13.10 -8.49 -25.56
CA VAL B 424 -13.85 -9.42 -26.38
C VAL B 424 -13.99 -8.91 -27.85
N GLN B 425 -14.32 -7.63 -28.00
CA GLN B 425 -14.48 -7.02 -29.31
C GLN B 425 -13.12 -6.95 -30.02
N ASN B 426 -12.03 -6.92 -29.25
CA ASN B 426 -10.72 -6.78 -29.83
C ASN B 426 -9.78 -8.02 -29.86
N GLY B 427 -10.29 -9.20 -29.54
CA GLY B 427 -9.48 -10.41 -29.58
C GLY B 427 -8.56 -10.71 -28.41
N ILE B 428 -8.70 -9.98 -27.31
CA ILE B 428 -7.83 -10.19 -26.14
C ILE B 428 -8.55 -11.11 -25.15
N PRO B 429 -7.97 -12.31 -24.93
CA PRO B 429 -8.62 -13.25 -24.00
C PRO B 429 -8.58 -12.76 -22.58
N VAL B 430 -9.74 -12.67 -21.93
CA VAL B 430 -9.84 -12.24 -20.53
C VAL B 430 -10.73 -13.23 -19.77
N PRO B 431 -10.21 -14.46 -19.58
CA PRO B 431 -11.01 -15.48 -18.89
C PRO B 431 -11.43 -15.17 -17.46
N THR B 432 -10.53 -14.68 -16.62
CA THR B 432 -10.93 -14.38 -15.26
C THR B 432 -11.74 -13.09 -15.15
N PHE B 433 -11.40 -12.06 -15.93
CA PHE B 433 -12.21 -10.83 -15.86
C PHE B 433 -13.64 -11.14 -16.35
N SER B 434 -13.77 -11.97 -17.39
CA SER B 434 -15.11 -12.36 -17.88
C SER B 434 -15.77 -13.25 -16.84
N ALA B 435 -15.01 -14.13 -16.21
CA ALA B 435 -15.64 -14.99 -15.19
C ALA B 435 -16.21 -14.12 -14.09
N ALA B 436 -15.42 -13.14 -13.66
CA ALA B 436 -15.75 -12.22 -12.58
C ALA B 436 -17.07 -11.50 -12.85
N ILE B 437 -17.25 -10.95 -14.06
CA ILE B 437 -18.51 -10.26 -14.32
C ILE B 437 -19.66 -11.26 -14.43
N ALA B 438 -19.44 -12.43 -15.04
CA ALA B 438 -20.56 -13.37 -15.14
C ALA B 438 -21.01 -13.88 -13.75
N TYR B 439 -20.05 -14.05 -12.86
CA TYR B 439 -20.36 -14.50 -11.52
C TYR B 439 -21.18 -13.42 -10.81
N TYR B 440 -20.69 -12.17 -10.85
CA TYR B 440 -21.41 -11.04 -10.22
C TYR B 440 -22.86 -10.92 -10.71
N ASP B 441 -23.04 -10.95 -12.03
CA ASP B 441 -24.40 -10.88 -12.61
C ASP B 441 -25.27 -12.09 -12.35
N SER B 442 -24.63 -13.25 -12.11
CA SER B 442 -25.37 -14.50 -11.81
C SER B 442 -25.80 -14.54 -10.36
N TYR B 443 -24.89 -14.22 -9.45
CA TYR B 443 -25.16 -14.22 -8.00
C TYR B 443 -26.24 -13.22 -7.61
N ARG B 444 -26.32 -12.07 -8.29
CA ARG B 444 -27.35 -11.08 -7.96
C ARG B 444 -28.69 -11.30 -8.73
N SER B 445 -28.76 -12.30 -9.60
CA SER B 445 -30.01 -12.58 -10.32
C SER B 445 -30.93 -13.41 -9.44
N ALA B 446 -32.11 -12.87 -9.11
CA ALA B 446 -33.07 -13.64 -8.30
C ALA B 446 -33.48 -14.83 -9.16
N VAL B 447 -33.47 -14.62 -10.47
CA VAL B 447 -33.86 -15.70 -11.36
C VAL B 447 -32.86 -15.92 -12.50
N LEU B 448 -32.53 -17.20 -12.73
CA LEU B 448 -31.61 -17.57 -13.79
C LEU B 448 -32.34 -18.54 -14.75
N PRO B 449 -31.80 -18.73 -15.97
CA PRO B 449 -32.40 -19.63 -16.96
C PRO B 449 -32.37 -21.11 -16.59
N ALA B 450 -31.95 -21.45 -15.37
CA ALA B 450 -31.92 -22.83 -14.92
C ALA B 450 -33.33 -23.45 -14.88
N ASN B 451 -34.36 -22.63 -15.03
CA ASN B 451 -35.74 -23.17 -15.08
C ASN B 451 -35.85 -23.99 -16.38
N LEU B 452 -35.23 -23.50 -17.46
CA LEU B 452 -35.24 -24.24 -18.72
C LEU B 452 -34.40 -25.52 -18.59
N ILE B 453 -33.27 -25.43 -17.88
CA ILE B 453 -32.45 -26.63 -17.72
C ILE B 453 -33.21 -27.73 -16.99
N GLN B 454 -33.96 -27.32 -15.94
CA GLN B 454 -34.77 -28.25 -15.16
C GLN B 454 -35.88 -28.88 -16.02
N ALA B 455 -36.57 -28.06 -16.81
CA ALA B 455 -37.62 -28.57 -17.68
C ALA B 455 -37.03 -29.59 -18.64
N GLN B 456 -35.90 -29.26 -19.24
CA GLN B 456 -35.25 -30.19 -20.15
C GLN B 456 -34.91 -31.54 -19.47
N ARG B 457 -34.42 -31.50 -18.21
CA ARG B 457 -34.06 -32.73 -17.47
C ARG B 457 -35.28 -33.58 -17.17
N ASP B 458 -36.40 -32.92 -16.93
CA ASP B 458 -37.64 -33.64 -16.66
C ASP B 458 -38.20 -34.17 -18.00
N TYR B 459 -38.03 -33.41 -19.07
CA TYR B 459 -38.53 -33.83 -20.38
C TYR B 459 -37.80 -35.08 -20.86
N PHE B 460 -36.47 -35.10 -20.84
CA PHE B 460 -35.77 -36.29 -21.34
C PHE B 460 -35.44 -37.31 -20.28
N GLY B 461 -35.46 -36.90 -19.02
CA GLY B 461 -35.11 -37.87 -18.04
C GLY B 461 -36.06 -38.02 -16.89
N ALA B 462 -37.20 -37.33 -16.94
CA ALA B 462 -38.19 -37.44 -15.89
C ALA B 462 -37.54 -37.14 -14.55
N HIS B 463 -36.55 -36.23 -14.51
CA HIS B 463 -35.87 -35.96 -13.26
C HIS B 463 -36.64 -35.18 -12.24
N THR B 464 -37.85 -34.77 -12.60
CA THR B 464 -38.75 -33.98 -11.77
C THR B 464 -38.23 -32.57 -11.50
N TYR B 465 -39.14 -31.71 -11.04
CA TYR B 465 -38.82 -30.33 -10.74
C TYR B 465 -39.74 -29.75 -9.66
N LYS B 466 -39.40 -28.57 -9.21
CA LYS B 466 -40.20 -27.89 -8.21
C LYS B 466 -40.74 -26.63 -8.85
N ARG B 467 -41.82 -26.11 -8.28
CA ARG B 467 -42.49 -24.93 -8.81
C ARG B 467 -42.34 -23.72 -7.91
N THR B 468 -42.29 -22.53 -8.50
CA THR B 468 -42.18 -21.30 -7.73
C THR B 468 -43.58 -20.85 -7.22
N ASP B 469 -44.65 -21.47 -7.71
CA ASP B 469 -46.00 -21.08 -7.31
C ASP B 469 -46.78 -22.06 -6.47
N LYS B 470 -46.24 -23.26 -6.26
CA LYS B 470 -46.92 -24.28 -5.46
C LYS B 470 -45.85 -25.22 -4.90
N GLU B 471 -46.12 -25.84 -3.77
CA GLU B 471 -45.11 -26.71 -3.24
C GLU B 471 -45.28 -28.11 -3.73
N GLY B 472 -44.24 -28.91 -3.55
CA GLY B 472 -44.29 -30.28 -4.01
C GLY B 472 -43.31 -30.51 -5.15
N ILE B 473 -43.14 -31.77 -5.51
CA ILE B 473 -42.27 -32.21 -6.59
C ILE B 473 -43.17 -32.55 -7.76
N PHE B 474 -42.85 -32.04 -8.95
CA PHE B 474 -43.67 -32.33 -10.10
C PHE B 474 -42.93 -32.98 -11.26
N HIS B 475 -43.70 -33.62 -12.11
CA HIS B 475 -43.21 -34.25 -13.32
C HIS B 475 -44.28 -34.01 -14.36
N THR B 476 -43.87 -33.88 -15.61
CA THR B 476 -44.80 -33.60 -16.66
C THR B 476 -44.58 -34.51 -17.86
N GLU B 477 -45.67 -34.82 -18.54
CA GLU B 477 -45.66 -35.61 -19.76
C GLU B 477 -45.71 -34.49 -20.75
N TRP B 478 -44.52 -34.04 -21.15
CA TRP B 478 -44.43 -32.92 -22.05
C TRP B 478 -45.04 -33.14 -23.42
N LEU B 479 -45.10 -34.39 -23.88
CA LEU B 479 -45.69 -34.72 -25.18
C LEU B 479 -47.20 -34.95 -25.12
#